data_1OAN
#
_entry.id   1OAN
#
_cell.length_a   81.541
_cell.length_b   81.541
_cell.length_c   288.623
_cell.angle_alpha   90.00
_cell.angle_beta   90.00
_cell.angle_gamma   120.00
#
_symmetry.space_group_name_H-M   'P 31 2 1'
#
loop_
_entity.id
_entity.type
_entity.pdbx_description
1 polymer 'ENVELOPE GLYCOPROTEIN'
2 branched beta-D-mannopyranose-(1-4)-2-acetamido-2-deoxy-beta-D-glucopyranose-(1-4)-[alpha-L-fucopyranose-(1-6)]2-acetamido-2-deoxy-beta-D-glucopyranose
3 non-polymer 'SODIUM ION'
4 non-polymer 2-acetamido-2-deoxy-beta-D-glucopyranose
5 water water
#
_entity_poly.entity_id   1
_entity_poly.type   'polypeptide(L)'
_entity_poly.pdbx_seq_one_letter_code
;MRCIGISNRDFVEGVSGGSWVDIVLEHGSCVTTMAKNKPTLDFELIKTEAKQPATLRKYCIEAKLTNTTTESRCPTQGEP
TLNEEQDKRFVCKHSMVDRGWGNGCGLFGKGGIVTCAMFTCKKNMEGKIVQPENLEYTVVITPHSGEEHAVGNDTGKHGK
EVKITPQSSITEAELTGYGTVTMECSPRTGLDFNEMVLLQMKDKAWLVHRQWFLDLPLPWLPGADTQGSNWIQKETLVTF
KNPHAKKQDVVVLGSQEGAMHTALTGATEIQMSSGNLLFTGHLKCRLRMDKLQLKGMSYSMCTGKFKVVKEIAETQHGTI
VIRVQYEGDGSPCKIPFEIMDLEKRHVLGRLITVNPIVTEKDSPVNIEAEPPFGDSYIIIGVEPGQLKLNWFKK
;
_entity_poly.pdbx_strand_id   A,B
#
# COMPACT_ATOMS: atom_id res chain seq x y z
N MET A 1 34.68 -9.57 -29.78
CA MET A 1 34.00 -10.89 -29.83
C MET A 1 33.06 -11.02 -28.65
N ARG A 2 32.83 -9.92 -27.96
CA ARG A 2 31.94 -9.90 -26.82
C ARG A 2 30.53 -10.22 -27.29
N CYS A 3 30.19 -9.84 -28.51
CA CYS A 3 28.83 -10.10 -28.96
C CYS A 3 28.49 -11.54 -29.25
N ILE A 4 29.49 -12.34 -29.58
CA ILE A 4 29.23 -13.75 -29.88
C ILE A 4 28.56 -14.48 -28.71
N GLY A 5 27.26 -14.74 -28.87
CA GLY A 5 26.54 -15.44 -27.82
C GLY A 5 25.38 -14.65 -27.29
N ILE A 6 25.22 -13.43 -27.78
CA ILE A 6 24.15 -12.57 -27.35
C ILE A 6 23.03 -12.70 -28.36
N SER A 7 21.80 -12.77 -27.83
CA SER A 7 20.60 -12.91 -28.64
C SER A 7 20.40 -11.67 -29.50
N ASN A 8 20.20 -10.54 -28.85
CA ASN A 8 19.99 -9.29 -29.58
C ASN A 8 21.31 -8.75 -30.15
N ARG A 9 21.79 -9.39 -31.21
CA ARG A 9 23.03 -8.98 -31.85
C ARG A 9 22.75 -8.48 -33.25
N ASP A 10 23.22 -7.26 -33.53
CA ASP A 10 23.03 -6.66 -34.84
C ASP A 10 24.34 -6.57 -35.59
N PHE A 11 24.34 -7.02 -36.84
CA PHE A 11 25.53 -6.96 -37.67
C PHE A 11 25.44 -5.73 -38.60
N VAL A 12 26.45 -4.88 -38.54
CA VAL A 12 26.50 -3.66 -39.33
C VAL A 12 27.71 -3.64 -40.26
N GLU A 13 27.46 -3.44 -41.55
CA GLU A 13 28.55 -3.41 -42.50
C GLU A 13 28.76 -2.03 -43.12
N GLY A 14 30.01 -1.71 -43.40
CA GLY A 14 30.38 -0.42 -43.96
C GLY A 14 29.84 -0.12 -45.35
N VAL A 15 29.50 1.15 -45.57
CA VAL A 15 28.97 1.62 -46.84
C VAL A 15 30.02 1.43 -47.93
N SER A 16 29.84 0.37 -48.73
CA SER A 16 30.73 -0.01 -49.84
C SER A 16 31.57 1.15 -50.38
N GLY A 17 32.76 1.28 -49.79
CA GLY A 17 33.70 2.32 -50.15
C GLY A 17 34.01 3.20 -48.94
N GLY A 18 33.04 4.03 -48.55
CA GLY A 18 33.23 4.92 -47.41
C GLY A 18 33.44 4.15 -46.13
N SER A 19 34.52 4.46 -45.41
CA SER A 19 34.82 3.77 -44.15
C SER A 19 34.11 4.46 -42.99
N TRP A 20 32.82 4.70 -43.17
CA TRP A 20 31.96 5.34 -42.17
C TRP A 20 30.73 4.43 -41.98
N VAL A 21 30.40 4.11 -40.75
CA VAL A 21 29.25 3.26 -40.49
C VAL A 21 28.43 3.71 -39.30
N ASP A 22 27.10 3.69 -39.47
CA ASP A 22 26.18 4.09 -38.42
C ASP A 22 25.63 2.87 -37.69
N ILE A 23 25.68 2.92 -36.37
CA ILE A 23 25.21 1.83 -35.53
C ILE A 23 24.28 2.37 -34.46
N VAL A 24 23.45 1.49 -33.89
CA VAL A 24 22.52 1.89 -32.84
C VAL A 24 22.69 0.98 -31.62
N LEU A 25 22.91 1.58 -30.45
CA LEU A 25 23.08 0.80 -29.25
C LEU A 25 21.93 1.02 -28.28
N GLU A 26 21.79 0.09 -27.32
CA GLU A 26 20.76 0.16 -26.28
C GLU A 26 21.04 -1.02 -25.39
N HIS A 27 20.90 -0.83 -24.09
CA HIS A 27 21.16 -1.93 -23.15
C HIS A 27 20.49 -3.18 -23.65
N GLY A 28 21.19 -4.32 -23.53
CA GLY A 28 20.63 -5.56 -23.97
C GLY A 28 20.80 -5.79 -25.45
N SER A 29 21.58 -4.92 -26.09
CA SER A 29 21.83 -5.04 -27.53
C SER A 29 23.34 -5.13 -27.76
N CYS A 30 23.72 -5.56 -28.95
CA CYS A 30 25.12 -5.70 -29.30
C CYS A 30 25.20 -5.47 -30.79
N VAL A 31 26.31 -4.91 -31.24
CA VAL A 31 26.47 -4.64 -32.66
C VAL A 31 27.85 -5.05 -33.13
N THR A 32 27.89 -5.81 -34.22
CA THR A 32 29.14 -6.27 -34.79
C THR A 32 29.33 -5.53 -36.10
N THR A 33 30.28 -4.60 -36.12
CA THR A 33 30.56 -3.79 -37.31
C THR A 33 31.67 -4.36 -38.16
N MET A 34 31.49 -4.30 -39.47
CA MET A 34 32.49 -4.80 -40.41
C MET A 34 32.67 -3.78 -41.52
N ALA A 35 33.86 -3.74 -42.11
CA ALA A 35 34.15 -2.80 -43.18
C ALA A 35 35.37 -3.24 -43.97
N LYS A 36 35.28 -3.19 -45.29
CA LYS A 36 36.37 -3.58 -46.18
C LYS A 36 37.73 -3.23 -45.57
N ASN A 37 38.64 -4.19 -45.61
CA ASN A 37 39.97 -4.04 -45.03
C ASN A 37 40.01 -3.27 -43.73
N LYS A 38 39.14 -3.64 -42.81
CA LYS A 38 39.06 -3.02 -41.49
C LYS A 38 38.73 -4.12 -40.49
N PRO A 39 39.26 -4.03 -39.27
CA PRO A 39 38.99 -5.03 -38.24
C PRO A 39 37.51 -5.10 -37.93
N THR A 40 37.01 -6.29 -37.58
CA THR A 40 35.60 -6.40 -37.23
C THR A 40 35.54 -6.03 -35.76
N LEU A 41 34.60 -5.15 -35.39
CA LEU A 41 34.50 -4.71 -34.00
C LEU A 41 33.14 -5.00 -33.40
N ASP A 42 33.09 -5.15 -32.07
CA ASP A 42 31.83 -5.38 -31.38
C ASP A 42 31.59 -4.21 -30.44
N PHE A 43 30.39 -3.63 -30.53
CA PHE A 43 30.04 -2.49 -29.68
C PHE A 43 28.88 -2.85 -28.77
N GLU A 44 29.01 -2.48 -27.51
CA GLU A 44 27.93 -2.71 -26.56
C GLU A 44 27.91 -1.50 -25.62
N LEU A 45 26.70 -1.02 -25.32
CA LEU A 45 26.52 0.12 -24.44
C LEU A 45 26.34 -0.33 -23.00
N ILE A 46 27.44 -0.31 -22.24
CA ILE A 46 27.42 -0.71 -20.85
C ILE A 46 26.36 -0.02 -19.99
N LYS A 47 26.58 1.24 -19.65
CA LYS A 47 25.63 1.98 -18.83
C LYS A 47 25.32 3.38 -19.32
N THR A 48 24.18 3.89 -18.89
CA THR A 48 23.74 5.24 -19.24
C THR A 48 23.45 5.93 -17.92
N GLU A 49 24.36 6.81 -17.50
CA GLU A 49 24.22 7.50 -16.23
C GLU A 49 24.00 9.01 -16.24
N ALA A 50 22.84 9.44 -15.76
CA ALA A 50 22.54 10.87 -15.67
C ALA A 50 23.42 11.35 -14.51
N LYS A 51 24.19 12.42 -14.73
CA LYS A 51 25.08 12.96 -13.72
C LYS A 51 24.46 13.42 -12.34
N GLN A 52 23.45 14.35 -12.30
CA GLN A 52 22.80 14.84 -11.02
C GLN A 52 21.48 15.64 -11.20
N PRO A 53 20.35 14.94 -11.40
CA PRO A 53 19.04 15.58 -11.59
C PRO A 53 18.59 16.40 -10.40
N ALA A 54 17.45 17.07 -10.57
CA ALA A 54 16.91 17.91 -9.51
C ALA A 54 15.61 17.36 -8.96
N THR A 55 15.54 17.33 -7.63
CA THR A 55 14.36 16.83 -6.91
C THR A 55 13.15 17.73 -7.10
N LEU A 56 12.39 17.51 -8.18
CA LEU A 56 11.20 18.30 -8.47
C LEU A 56 10.26 18.38 -7.26
N ARG A 57 9.98 17.23 -6.66
CA ARG A 57 9.08 17.16 -5.51
C ARG A 57 9.42 15.95 -4.62
N LYS A 58 8.74 15.81 -3.50
CA LYS A 58 9.01 14.70 -2.61
C LYS A 58 7.76 14.30 -1.81
N TYR A 59 7.11 13.25 -2.28
CA TYR A 59 5.88 12.73 -1.67
C TYR A 59 6.13 11.79 -0.51
N CYS A 60 5.25 11.85 0.49
CA CYS A 60 5.34 10.96 1.64
C CYS A 60 4.31 9.86 1.36
N ILE A 61 4.75 8.62 1.44
CA ILE A 61 3.87 7.48 1.17
C ILE A 61 3.57 6.59 2.37
N GLU A 62 3.90 7.08 3.56
CA GLU A 62 3.65 6.33 4.79
C GLU A 62 3.95 7.24 5.96
N ALA A 63 2.97 7.46 6.84
CA ALA A 63 3.19 8.34 7.96
C ALA A 63 2.72 7.84 9.30
N LYS A 64 3.11 8.55 10.35
CA LYS A 64 2.77 8.22 11.72
C LYS A 64 2.19 9.44 12.43
N LEU A 65 1.05 9.25 13.08
CA LEU A 65 0.42 10.33 13.82
C LEU A 65 0.79 10.22 15.30
N THR A 66 1.17 11.33 15.89
CA THR A 66 1.58 11.34 17.30
C THR A 66 1.11 12.59 18.04
N ASN A 67 1.51 12.70 19.30
CA ASN A 67 1.15 13.84 20.13
C ASN A 67 -0.21 14.46 19.82
N THR A 68 -1.26 13.65 19.78
CA THR A 68 -2.59 14.17 19.52
C THR A 68 -3.05 15.01 20.70
N THR A 69 -3.72 16.11 20.43
CA THR A 69 -4.22 16.97 21.49
C THR A 69 -5.49 17.62 21.00
N THR A 70 -6.34 18.06 21.91
CA THR A 70 -7.59 18.67 21.48
C THR A 70 -8.15 19.70 22.45
N GLU A 71 -8.85 20.68 21.90
CA GLU A 71 -9.45 21.75 22.68
C GLU A 71 -10.94 21.76 22.36
N SER A 72 -11.76 22.06 23.36
CA SER A 72 -13.19 22.13 23.14
C SER A 72 -13.81 23.26 23.94
N ARG A 73 -15.01 23.68 23.53
CA ARG A 73 -15.69 24.78 24.21
C ARG A 73 -17.15 24.42 24.43
N CYS A 74 -17.76 25.08 25.42
CA CYS A 74 -19.16 24.84 25.72
C CYS A 74 -19.98 25.57 24.71
N PRO A 75 -21.28 25.26 24.63
CA PRO A 75 -22.10 25.95 23.64
C PRO A 75 -22.09 27.45 23.93
N THR A 76 -22.00 28.25 22.86
CA THR A 76 -21.97 29.71 22.96
C THR A 76 -20.72 30.25 23.67
N GLN A 77 -19.57 29.67 23.37
CA GLN A 77 -18.30 30.10 23.96
C GLN A 77 -17.24 30.21 22.86
N GLY A 78 -17.67 30.43 21.63
CA GLY A 78 -16.75 30.57 20.53
C GLY A 78 -15.95 29.31 20.22
N GLU A 79 -15.15 29.39 19.17
CA GLU A 79 -14.35 28.25 18.76
C GLU A 79 -13.22 27.92 19.70
N PRO A 80 -12.82 26.64 19.72
CA PRO A 80 -11.75 26.15 20.57
C PRO A 80 -10.47 26.64 19.89
N THR A 81 -9.34 26.52 20.57
CA THR A 81 -8.08 26.94 19.96
C THR A 81 -6.94 26.09 20.44
N LEU A 82 -6.09 25.68 19.52
CA LEU A 82 -4.93 24.91 19.91
C LEU A 82 -3.71 25.62 19.34
N ASN A 83 -2.63 25.66 20.12
CA ASN A 83 -1.42 26.30 19.65
C ASN A 83 -0.93 25.56 18.44
N GLU A 84 -1.02 24.22 18.50
CA GLU A 84 -0.59 23.38 17.40
C GLU A 84 -1.28 23.73 16.09
N GLU A 85 -2.42 24.42 16.19
CA GLU A 85 -3.19 24.83 15.01
C GLU A 85 -2.26 25.62 14.06
N GLN A 86 -1.15 26.13 14.59
CA GLN A 86 -0.17 26.88 13.79
C GLN A 86 1.15 26.15 13.50
N ASP A 87 1.39 25.04 14.18
CA ASP A 87 2.62 24.27 13.99
C ASP A 87 2.49 23.46 12.70
N LYS A 88 3.19 23.88 11.67
CA LYS A 88 3.15 23.20 10.37
C LYS A 88 3.33 21.69 10.42
N ARG A 89 3.83 21.14 11.53
CA ARG A 89 4.01 19.68 11.59
C ARG A 89 2.72 18.99 12.01
N PHE A 90 1.80 19.79 12.55
CA PHE A 90 0.51 19.31 13.01
C PHE A 90 -0.61 19.46 11.99
N VAL A 91 -1.51 18.49 11.99
CA VAL A 91 -2.65 18.50 11.09
C VAL A 91 -3.87 18.63 12.02
N CYS A 92 -4.70 19.65 11.79
CA CYS A 92 -5.87 19.85 12.66
C CYS A 92 -7.19 19.95 11.91
N LYS A 93 -8.28 19.78 12.66
CA LYS A 93 -9.65 19.85 12.13
C LYS A 93 -10.63 20.31 13.21
N HIS A 94 -11.50 21.25 12.89
CA HIS A 94 -12.48 21.71 13.87
C HIS A 94 -13.72 20.84 13.70
N SER A 95 -14.54 20.75 14.73
CA SER A 95 -15.72 19.93 14.65
C SER A 95 -16.71 20.34 15.72
N MET A 96 -17.71 19.51 15.98
CA MET A 96 -18.72 19.84 16.96
C MET A 96 -19.13 18.59 17.73
N VAL A 97 -19.47 18.76 19.02
CA VAL A 97 -19.87 17.63 19.83
C VAL A 97 -20.97 18.05 20.76
N ASP A 98 -21.79 17.10 21.20
CA ASP A 98 -22.87 17.45 22.10
C ASP A 98 -22.30 17.73 23.46
N ARG A 99 -22.84 18.74 24.10
CA ARG A 99 -22.39 19.11 25.43
C ARG A 99 -23.60 19.45 26.27
N GLY A 100 -23.43 19.31 27.57
CA GLY A 100 -24.50 19.60 28.49
C GLY A 100 -23.97 19.29 29.89
N TRP A 101 -24.86 19.35 30.87
CA TRP A 101 -24.49 19.06 32.25
C TRP A 101 -23.58 17.85 32.37
N GLY A 102 -24.06 16.70 31.91
CA GLY A 102 -23.27 15.50 32.00
C GLY A 102 -21.80 15.63 31.63
N ASN A 103 -21.41 16.65 30.88
CA ASN A 103 -20.00 16.74 30.53
C ASN A 103 -19.36 18.11 30.59
N GLY A 104 -19.74 18.87 31.61
CA GLY A 104 -19.12 20.16 31.81
C GLY A 104 -19.79 21.45 31.41
N CYS A 105 -20.93 21.44 30.74
CA CYS A 105 -21.53 22.71 30.38
C CYS A 105 -22.84 22.98 31.07
N GLY A 106 -23.17 24.25 31.20
CA GLY A 106 -24.42 24.61 31.84
C GLY A 106 -25.52 24.65 30.79
N LEU A 107 -25.13 24.61 29.52
CA LEU A 107 -26.11 24.64 28.46
C LEU A 107 -26.02 23.35 27.70
N PHE A 108 -27.11 22.96 27.05
CA PHE A 108 -27.10 21.76 26.24
C PHE A 108 -27.11 22.21 24.79
N GLY A 109 -26.22 21.64 23.98
CA GLY A 109 -26.15 22.02 22.59
C GLY A 109 -24.86 21.57 21.97
N LYS A 110 -24.66 21.90 20.69
CA LYS A 110 -23.45 21.53 20.01
C LYS A 110 -22.33 22.45 20.45
N GLY A 111 -21.26 21.89 20.97
CA GLY A 111 -20.14 22.71 21.40
C GLY A 111 -18.98 22.51 20.44
N GLY A 112 -18.20 23.56 20.22
CA GLY A 112 -17.08 23.45 19.29
C GLY A 112 -15.94 22.59 19.79
N ILE A 113 -15.13 22.09 18.86
CA ILE A 113 -14.00 21.26 19.21
C ILE A 113 -12.94 21.44 18.13
N VAL A 114 -11.70 21.02 18.41
CA VAL A 114 -10.60 21.08 17.44
C VAL A 114 -9.55 20.07 17.85
N THR A 115 -9.16 19.22 16.91
CA THR A 115 -8.19 18.19 17.23
C THR A 115 -6.95 18.30 16.36
N CYS A 116 -5.78 18.06 16.95
CA CYS A 116 -4.54 18.12 16.20
C CYS A 116 -3.66 16.95 16.54
N ALA A 117 -2.97 16.43 15.53
CA ALA A 117 -2.05 15.31 15.69
C ALA A 117 -0.81 15.63 14.89
N MET A 118 0.36 15.31 15.45
CA MET A 118 1.62 15.58 14.77
C MET A 118 1.90 14.54 13.71
N PHE A 119 2.13 15.03 12.50
CA PHE A 119 2.38 14.20 11.34
C PHE A 119 3.86 14.00 11.14
N THR A 120 4.29 12.74 11.13
CA THR A 120 5.70 12.40 10.96
C THR A 120 5.84 11.42 9.81
N CYS A 121 6.54 11.80 8.75
CA CYS A 121 6.69 10.91 7.61
C CYS A 121 7.65 9.78 7.94
N LYS A 122 7.37 8.59 7.41
CA LYS A 122 8.21 7.41 7.66
C LYS A 122 8.93 6.89 6.41
N LYS A 123 8.33 7.09 5.25
CA LYS A 123 8.91 6.65 4.00
C LYS A 123 8.47 7.63 2.91
N ASN A 124 9.33 7.92 1.95
CA ASN A 124 8.95 8.87 0.91
C ASN A 124 9.53 8.61 -0.47
N MET A 125 8.81 9.05 -1.50
CA MET A 125 9.26 8.92 -2.87
C MET A 125 10.14 10.13 -3.12
N GLU A 126 10.43 10.41 -4.39
CA GLU A 126 11.26 11.54 -4.72
C GLU A 126 11.31 11.70 -6.22
N GLY A 127 10.33 12.41 -6.78
CA GLY A 127 10.31 12.62 -8.22
C GLY A 127 11.52 13.46 -8.60
N LYS A 128 12.10 13.23 -9.77
CA LYS A 128 13.27 14.01 -10.20
C LYS A 128 13.22 14.40 -11.67
N ILE A 129 13.97 15.44 -12.02
CA ILE A 129 14.01 15.89 -13.40
C ILE A 129 15.42 15.75 -13.99
N VAL A 130 15.48 15.18 -15.19
CA VAL A 130 16.75 14.96 -15.88
C VAL A 130 16.77 15.69 -17.23
N GLN A 131 17.93 16.25 -17.57
CA GLN A 131 18.13 16.97 -18.83
C GLN A 131 19.21 16.24 -19.69
N PRO A 132 18.86 15.66 -20.89
CA PRO A 132 19.67 14.91 -21.88
C PRO A 132 21.11 15.37 -22.07
N GLU A 133 21.30 16.68 -22.04
CA GLU A 133 22.63 17.26 -22.20
C GLU A 133 23.68 16.58 -21.34
N ASN A 134 23.31 16.29 -20.09
CA ASN A 134 24.25 15.67 -19.16
C ASN A 134 24.08 14.18 -18.94
N LEU A 135 24.10 13.41 -20.02
CA LEU A 135 23.97 11.96 -19.95
C LEU A 135 25.25 11.30 -20.46
N GLU A 136 26.05 10.76 -19.55
CA GLU A 136 27.31 10.11 -19.90
C GLU A 136 27.12 8.63 -20.29
N TYR A 137 27.07 8.36 -21.59
CA TYR A 137 26.91 6.99 -22.05
C TYR A 137 28.26 6.28 -22.09
N THR A 138 28.36 5.14 -21.39
CA THR A 138 29.59 4.36 -21.40
C THR A 138 29.44 3.31 -22.49
N VAL A 139 30.50 3.08 -23.28
CA VAL A 139 30.45 2.10 -24.36
C VAL A 139 31.73 1.28 -24.43
N VAL A 140 31.59 -0.04 -24.49
CA VAL A 140 32.76 -0.92 -24.58
C VAL A 140 32.96 -1.43 -26.00
N ILE A 141 34.16 -1.20 -26.53
CA ILE A 141 34.50 -1.63 -27.88
C ILE A 141 35.43 -2.83 -27.80
N THR A 142 34.94 -3.98 -28.27
CA THR A 142 35.72 -5.21 -28.24
C THR A 142 35.96 -5.69 -29.67
N PRO A 143 37.21 -5.58 -30.15
CA PRO A 143 37.57 -6.00 -31.51
C PRO A 143 37.68 -7.52 -31.65
N HIS A 144 37.41 -8.01 -32.85
CA HIS A 144 37.47 -9.43 -33.09
C HIS A 144 38.91 -9.85 -33.22
N SER A 145 39.59 -9.88 -32.07
CA SER A 145 40.99 -10.26 -31.96
C SER A 145 41.25 -11.74 -32.23
N GLY A 146 40.27 -12.58 -31.92
CA GLY A 146 40.44 -14.00 -32.11
C GLY A 146 41.04 -14.62 -30.87
N GLU A 147 41.42 -13.73 -29.93
CA GLU A 147 42.02 -14.12 -28.66
C GLU A 147 41.31 -15.33 -28.05
N GLU A 148 42.09 -16.22 -27.45
CA GLU A 148 41.57 -17.44 -26.85
C GLU A 148 40.30 -17.28 -26.03
N HIS A 149 40.31 -16.37 -25.07
CA HIS A 149 39.16 -16.18 -24.17
C HIS A 149 38.25 -15.02 -24.53
N ALA A 150 38.30 -14.56 -25.77
CA ALA A 150 37.48 -13.43 -26.17
C ALA A 150 36.02 -13.72 -26.42
N VAL A 151 35.71 -14.82 -27.11
CA VAL A 151 34.34 -15.16 -27.43
C VAL A 151 33.42 -15.04 -26.23
N GLY A 152 32.44 -14.14 -26.35
CA GLY A 152 31.46 -13.92 -25.31
C GLY A 152 31.94 -13.43 -23.95
N ASN A 153 33.24 -13.24 -23.78
CA ASN A 153 33.79 -12.80 -22.49
C ASN A 153 33.26 -11.42 -22.14
N ASP A 154 32.44 -11.32 -21.10
CA ASP A 154 31.89 -10.02 -20.71
C ASP A 154 32.60 -9.40 -19.51
N THR A 155 33.89 -9.72 -19.38
CA THR A 155 34.72 -9.22 -18.29
C THR A 155 35.01 -7.73 -18.47
N GLY A 156 35.22 -7.33 -19.72
CA GLY A 156 35.55 -5.95 -20.01
C GLY A 156 37.04 -5.87 -20.30
N LYS A 157 37.80 -6.78 -19.70
CA LYS A 157 39.24 -6.81 -19.89
C LYS A 157 39.64 -7.22 -21.29
N HIS A 158 38.76 -7.02 -22.26
CA HIS A 158 39.07 -7.39 -23.64
C HIS A 158 38.82 -6.20 -24.56
N GLY A 159 37.89 -5.35 -24.17
CA GLY A 159 37.57 -4.18 -24.96
C GLY A 159 38.02 -2.91 -24.24
N LYS A 160 37.94 -1.78 -24.94
CA LYS A 160 38.33 -0.50 -24.36
C LYS A 160 37.07 0.27 -24.04
N GLU A 161 36.92 0.64 -22.77
CA GLU A 161 35.74 1.37 -22.32
C GLU A 161 35.86 2.83 -22.75
N VAL A 162 34.76 3.36 -23.29
CA VAL A 162 34.71 4.72 -23.79
C VAL A 162 33.54 5.55 -23.23
N LYS A 163 33.86 6.67 -22.57
CA LYS A 163 32.84 7.55 -22.00
C LYS A 163 32.37 8.49 -23.11
N ILE A 164 31.09 8.84 -23.15
CA ILE A 164 30.59 9.71 -24.19
C ILE A 164 29.49 10.66 -23.72
N THR A 165 29.41 11.83 -24.35
CA THR A 165 28.40 12.84 -24.01
C THR A 165 27.99 13.64 -25.26
N PRO A 166 26.68 13.93 -25.41
CA PRO A 166 26.16 14.69 -26.55
C PRO A 166 26.80 16.07 -26.54
N GLN A 167 27.02 16.57 -25.33
CA GLN A 167 27.64 17.86 -25.08
C GLN A 167 29.12 17.61 -24.82
N SER A 168 29.74 16.84 -25.71
CA SER A 168 31.15 16.51 -25.63
C SER A 168 31.73 16.25 -27.03
N SER A 169 31.23 16.99 -28.02
CA SER A 169 31.71 16.89 -29.40
C SER A 169 31.74 15.47 -29.91
N ILE A 170 32.77 15.16 -30.70
CA ILE A 170 32.97 13.81 -31.18
C ILE A 170 34.12 13.17 -30.37
N THR A 171 33.95 11.93 -29.92
CA THR A 171 34.97 11.22 -29.11
C THR A 171 35.81 10.25 -29.91
N GLU A 172 37.08 10.12 -29.51
CA GLU A 172 38.01 9.24 -30.19
C GLU A 172 38.21 7.92 -29.44
N ALA A 173 38.62 6.91 -30.19
CA ALA A 173 38.83 5.56 -29.65
C ALA A 173 40.18 4.94 -29.99
N GLU A 174 40.97 4.66 -28.95
CA GLU A 174 42.29 4.04 -29.10
C GLU A 174 42.23 2.53 -28.92
N LEU A 175 42.22 1.80 -30.03
CA LEU A 175 42.17 0.36 -29.98
C LEU A 175 43.58 -0.22 -30.06
N THR A 176 44.19 -0.34 -28.88
CA THR A 176 45.54 -0.86 -28.72
C THR A 176 45.99 -1.85 -29.80
N GLY A 177 46.61 -1.35 -30.87
CA GLY A 177 47.08 -2.25 -31.90
C GLY A 177 46.35 -2.13 -33.22
N TYR A 178 45.13 -1.62 -33.21
CA TYR A 178 44.40 -1.48 -34.48
C TYR A 178 44.40 -0.05 -34.94
N GLY A 179 44.85 0.82 -34.05
CA GLY A 179 44.91 2.23 -34.35
C GLY A 179 43.86 3.01 -33.57
N THR A 180 43.06 3.77 -34.29
CA THR A 180 42.04 4.58 -33.66
C THR A 180 40.79 4.71 -34.51
N VAL A 181 39.65 4.74 -33.83
CA VAL A 181 38.37 4.89 -34.50
C VAL A 181 37.64 6.01 -33.76
N THR A 182 36.74 6.70 -34.45
CA THR A 182 36.03 7.79 -33.80
C THR A 182 34.52 7.66 -33.91
N MET A 183 33.84 7.98 -32.80
CA MET A 183 32.39 7.90 -32.71
C MET A 183 31.72 9.26 -32.64
N GLU A 184 30.76 9.46 -33.54
CA GLU A 184 29.99 10.69 -33.64
C GLU A 184 28.62 10.37 -33.05
N CYS A 185 28.47 10.53 -31.74
CA CYS A 185 27.20 10.20 -31.09
C CYS A 185 26.22 11.34 -30.82
N SER A 186 24.93 11.03 -30.93
CA SER A 186 23.86 11.99 -30.69
C SER A 186 22.80 11.36 -29.78
N PRO A 187 22.27 12.13 -28.80
CA PRO A 187 21.25 11.64 -27.86
C PRO A 187 20.21 10.71 -28.48
N ARG A 188 19.07 11.27 -28.85
CA ARG A 188 17.98 10.51 -29.47
C ARG A 188 17.36 9.46 -28.54
N THR A 189 16.87 9.90 -27.39
CA THR A 189 16.25 8.99 -26.41
C THR A 189 14.81 8.62 -26.80
N GLY A 190 14.18 7.79 -25.98
CA GLY A 190 12.82 7.36 -26.26
C GLY A 190 11.79 8.48 -26.18
N LEU A 191 11.50 8.92 -24.95
CA LEU A 191 10.53 9.98 -24.73
C LEU A 191 11.21 11.29 -24.38
N ASP A 192 10.43 12.36 -24.34
CA ASP A 192 10.92 13.69 -24.00
C ASP A 192 11.37 13.67 -22.54
N PHE A 193 12.21 14.62 -22.14
CA PHE A 193 12.70 14.64 -20.76
C PHE A 193 12.14 15.77 -19.91
N ASN A 194 11.15 16.47 -20.46
CA ASN A 194 10.51 17.58 -19.74
C ASN A 194 9.15 17.08 -19.28
N GLU A 195 8.46 16.37 -20.16
CA GLU A 195 7.15 15.83 -19.86
C GLU A 195 7.26 14.62 -18.94
N MET A 196 8.48 14.10 -18.80
CA MET A 196 8.69 12.94 -17.96
C MET A 196 9.54 13.24 -16.72
N VAL A 197 9.15 12.62 -15.61
CA VAL A 197 9.85 12.77 -14.34
C VAL A 197 10.42 11.41 -13.87
N LEU A 198 11.59 11.46 -13.26
CA LEU A 198 12.26 10.27 -12.77
C LEU A 198 11.86 9.97 -11.32
N LEU A 199 10.85 9.11 -11.16
CA LEU A 199 10.37 8.73 -9.83
C LEU A 199 11.24 7.64 -9.23
N GLN A 200 11.52 7.72 -7.93
CA GLN A 200 12.37 6.72 -7.29
C GLN A 200 11.83 6.20 -5.95
N MET A 201 11.92 4.90 -5.74
CA MET A 201 11.46 4.28 -4.49
C MET A 201 12.49 3.27 -3.96
N LYS A 202 13.51 3.77 -3.27
CA LYS A 202 14.55 2.94 -2.70
C LYS A 202 15.20 1.89 -3.62
N ASP A 203 14.73 1.67 -4.84
CA ASP A 203 15.35 0.67 -5.75
C ASP A 203 14.64 0.72 -7.05
N LYS A 204 13.37 0.34 -6.98
CA LYS A 204 12.54 0.45 -8.14
C LYS A 204 12.41 1.94 -8.45
N ALA A 205 12.72 2.31 -9.69
CA ALA A 205 12.63 3.70 -10.10
C ALA A 205 12.07 3.79 -11.52
N TRP A 206 10.92 4.43 -11.69
CA TRP A 206 10.33 4.55 -13.01
C TRP A 206 10.61 5.90 -13.63
N LEU A 207 9.84 6.19 -14.66
CA LEU A 207 9.94 7.44 -15.40
C LEU A 207 8.51 7.74 -15.85
N VAL A 208 7.83 8.64 -15.16
CA VAL A 208 6.46 8.95 -15.53
C VAL A 208 6.25 10.38 -15.97
N HIS A 209 5.05 10.63 -16.47
CA HIS A 209 4.63 11.93 -16.96
C HIS A 209 4.56 12.99 -15.84
N ARG A 210 5.22 14.13 -16.08
CA ARG A 210 5.27 15.24 -15.14
C ARG A 210 3.95 15.55 -14.45
N GLN A 211 2.92 15.81 -15.24
CA GLN A 211 1.60 16.11 -14.68
C GLN A 211 1.09 15.00 -13.77
N TRP A 212 0.99 13.77 -14.28
CA TRP A 212 0.51 12.65 -13.47
C TRP A 212 1.24 12.65 -12.11
N PHE A 213 2.54 12.85 -12.15
CA PHE A 213 3.37 12.87 -10.96
C PHE A 213 2.84 13.87 -9.96
N LEU A 214 2.79 15.13 -10.38
CA LEU A 214 2.33 16.21 -9.54
C LEU A 214 0.89 16.08 -9.05
N ASP A 215 0.04 15.39 -9.79
CA ASP A 215 -1.34 15.23 -9.37
C ASP A 215 -1.53 14.13 -8.30
N LEU A 216 -0.45 13.46 -7.91
CA LEU A 216 -0.54 12.41 -6.91
C LEU A 216 -1.11 12.90 -5.59
N PRO A 217 -2.19 12.25 -5.12
CA PRO A 217 -2.85 12.61 -3.87
C PRO A 217 -2.03 12.23 -2.66
N LEU A 218 -0.86 12.82 -2.52
CA LEU A 218 -0.01 12.49 -1.39
C LEU A 218 0.69 13.67 -0.74
N PRO A 219 0.86 13.61 0.58
CA PRO A 219 1.53 14.70 1.30
C PRO A 219 2.80 14.96 0.55
N TRP A 220 3.26 16.21 0.49
CA TRP A 220 4.49 16.48 -0.24
C TRP A 220 5.27 17.69 0.25
N LEU A 221 6.52 17.76 -0.19
CA LEU A 221 7.40 18.86 0.15
C LEU A 221 8.04 19.36 -1.13
N PRO A 222 8.15 20.69 -1.31
CA PRO A 222 8.75 21.20 -2.53
C PRO A 222 10.19 20.71 -2.60
N GLY A 223 10.66 20.39 -3.81
CA GLY A 223 12.01 19.89 -3.97
C GLY A 223 13.07 20.60 -3.13
N ALA A 224 13.11 21.92 -3.22
CA ALA A 224 14.09 22.73 -2.49
C ALA A 224 14.00 22.56 -0.97
N ASP A 225 13.23 21.58 -0.51
CA ASP A 225 13.06 21.36 0.90
C ASP A 225 14.29 20.74 1.58
N THR A 226 14.47 21.08 2.85
CA THR A 226 15.58 20.59 3.68
C THR A 226 15.01 20.22 5.04
N GLN A 227 13.93 20.90 5.43
CA GLN A 227 13.26 20.67 6.71
C GLN A 227 12.79 19.22 6.82
N GLY A 228 11.89 18.83 5.91
CA GLY A 228 11.38 17.48 5.91
C GLY A 228 10.34 17.20 6.99
N SER A 229 9.52 18.21 7.30
CA SER A 229 8.50 18.09 8.33
C SER A 229 7.22 18.85 7.97
N ASN A 230 7.37 20.02 7.38
CA ASN A 230 6.25 20.87 6.98
C ASN A 230 5.61 20.38 5.69
N TRP A 231 5.08 19.16 5.73
CA TRP A 231 4.43 18.54 4.58
C TRP A 231 3.14 19.20 4.13
N ILE A 232 2.99 19.37 2.82
CA ILE A 232 1.79 19.98 2.28
C ILE A 232 0.74 18.91 2.05
N GLN A 233 -0.52 19.26 2.23
CA GLN A 233 -1.63 18.32 2.04
C GLN A 233 -1.55 17.10 2.94
N LYS A 234 -1.06 17.29 4.16
CA LYS A 234 -0.96 16.20 5.11
C LYS A 234 -2.26 15.39 5.24
N GLU A 235 -3.40 16.02 4.99
CA GLU A 235 -4.69 15.34 5.13
C GLU A 235 -5.02 14.34 4.04
N THR A 236 -4.15 14.17 3.05
CA THR A 236 -4.43 13.20 2.01
C THR A 236 -4.16 11.81 2.59
N LEU A 237 -3.54 11.79 3.77
CA LEU A 237 -3.19 10.57 4.50
C LEU A 237 -3.71 10.61 5.93
N VAL A 238 -4.58 11.58 6.21
CA VAL A 238 -5.14 11.74 7.55
C VAL A 238 -6.66 11.88 7.47
N THR A 239 -7.38 11.10 8.27
CA THR A 239 -8.84 11.13 8.27
C THR A 239 -9.44 11.50 9.64
N PHE A 240 -10.46 12.36 9.63
CA PHE A 240 -11.12 12.79 10.86
C PHE A 240 -12.52 12.26 11.02
N LYS A 241 -12.74 11.48 12.07
CA LYS A 241 -14.04 10.89 12.34
C LYS A 241 -14.71 11.40 13.61
N ASN A 242 -15.98 11.75 13.47
CA ASN A 242 -16.79 12.20 14.60
C ASN A 242 -18.22 11.74 14.32
N PRO A 243 -18.42 10.42 14.31
CA PRO A 243 -19.70 9.73 14.06
C PRO A 243 -20.91 10.07 14.95
N HIS A 244 -20.70 10.17 16.26
CA HIS A 244 -21.79 10.44 17.18
C HIS A 244 -21.68 11.74 17.95
N ALA A 245 -20.99 12.72 17.39
CA ALA A 245 -20.84 14.02 18.06
C ALA A 245 -20.39 13.88 19.51
N LYS A 246 -19.60 12.85 19.81
CA LYS A 246 -19.09 12.66 21.16
C LYS A 246 -17.62 13.08 21.13
N LYS A 247 -16.86 12.51 20.21
CA LYS A 247 -15.46 12.84 20.10
C LYS A 247 -14.99 12.74 18.67
N GLN A 248 -13.81 13.30 18.40
CA GLN A 248 -13.25 13.30 17.06
C GLN A 248 -11.91 12.62 17.05
N ASP A 249 -11.73 11.72 16.09
CA ASP A 249 -10.49 10.96 15.94
C ASP A 249 -9.72 11.25 14.65
N VAL A 250 -8.40 11.11 14.73
CA VAL A 250 -7.51 11.33 13.60
C VAL A 250 -6.84 10.00 13.32
N VAL A 251 -6.80 9.61 12.05
CA VAL A 251 -6.19 8.35 11.69
C VAL A 251 -5.25 8.46 10.48
N VAL A 252 -4.31 7.50 10.41
CA VAL A 252 -3.33 7.45 9.34
C VAL A 252 -3.87 6.57 8.22
N LEU A 253 -3.48 6.85 6.98
CA LEU A 253 -3.99 6.06 5.87
C LEU A 253 -3.06 4.92 5.45
N GLY A 254 -2.03 4.68 6.27
CA GLY A 254 -1.11 3.59 5.97
C GLY A 254 -0.38 3.60 4.64
N SER A 255 0.82 3.01 4.66
CA SER A 255 1.70 2.93 3.50
C SER A 255 1.01 2.88 2.15
N GLN A 256 1.56 3.61 1.19
CA GLN A 256 1.03 3.69 -0.17
C GLN A 256 2.06 3.07 -1.12
N GLU A 257 3.07 2.45 -0.53
CA GLU A 257 4.12 1.85 -1.32
C GLU A 257 3.54 0.97 -2.41
N GLY A 258 2.93 -0.13 -2.03
CA GLY A 258 2.36 -1.01 -3.03
C GLY A 258 1.34 -0.37 -3.96
N ALA A 259 0.60 0.60 -3.44
CA ALA A 259 -0.42 1.26 -4.26
C ALA A 259 0.24 2.01 -5.39
N MET A 260 1.42 2.55 -5.13
CA MET A 260 2.18 3.30 -6.14
C MET A 260 2.67 2.31 -7.19
N HIS A 261 3.21 1.19 -6.74
CA HIS A 261 3.68 0.16 -7.65
C HIS A 261 2.48 -0.23 -8.52
N THR A 262 1.39 -0.64 -7.86
CA THR A 262 0.17 -1.04 -8.55
C THR A 262 -0.31 -0.01 -9.57
N ALA A 263 0.10 1.25 -9.39
CA ALA A 263 -0.31 2.31 -10.30
C ALA A 263 0.78 2.62 -11.32
N LEU A 264 1.98 2.11 -11.07
CA LEU A 264 3.11 2.30 -11.98
C LEU A 264 3.27 1.08 -12.87
N THR A 265 2.13 0.47 -13.21
CA THR A 265 2.09 -0.72 -14.07
C THR A 265 2.48 -0.36 -15.49
N GLY A 266 1.69 0.53 -16.09
CA GLY A 266 1.97 0.94 -17.45
C GLY A 266 3.22 1.79 -17.58
N ALA A 267 3.65 2.39 -16.47
CA ALA A 267 4.84 3.25 -16.47
C ALA A 267 6.07 2.55 -17.04
N THR A 268 7.10 3.34 -17.33
CA THR A 268 8.35 2.81 -17.88
C THR A 268 9.36 2.55 -16.76
N GLU A 269 9.62 1.28 -16.48
CA GLU A 269 10.57 0.89 -15.44
C GLU A 269 11.98 1.34 -15.81
N ILE A 270 12.91 1.24 -14.85
CA ILE A 270 14.30 1.64 -15.07
C ILE A 270 15.23 1.10 -13.98
N GLN A 271 15.81 -0.07 -14.19
CA GLN A 271 16.72 -0.63 -13.19
C GLN A 271 17.81 0.41 -12.90
N MET A 272 18.23 0.51 -11.64
CA MET A 272 19.26 1.46 -11.28
C MET A 272 19.95 1.15 -9.97
N SER A 273 21.27 1.06 -10.04
CA SER A 273 22.05 0.79 -8.86
C SER A 273 22.63 2.08 -8.29
N SER A 274 21.91 2.58 -7.30
CA SER A 274 22.24 3.77 -6.52
C SER A 274 22.78 4.95 -7.32
N GLY A 275 22.49 5.05 -8.61
CA GLY A 275 23.03 6.17 -9.36
C GLY A 275 23.33 5.83 -10.84
N ASN A 276 23.71 4.59 -11.11
CA ASN A 276 24.00 4.07 -12.47
C ASN A 276 22.83 3.25 -12.98
N LEU A 277 21.97 3.93 -13.73
CA LEU A 277 20.78 3.29 -14.23
C LEU A 277 20.98 2.64 -15.60
N LEU A 278 20.00 1.84 -16.01
CA LEU A 278 20.05 1.14 -17.29
C LEU A 278 18.78 1.47 -18.07
N PHE A 279 18.77 2.68 -18.63
CA PHE A 279 17.63 3.22 -19.37
C PHE A 279 17.15 2.46 -20.63
N THR A 280 16.38 3.14 -21.47
CA THR A 280 15.82 2.58 -22.72
C THR A 280 15.98 3.68 -23.77
N GLY A 281 17.09 3.67 -24.51
CA GLY A 281 17.28 4.72 -25.50
C GLY A 281 18.20 4.43 -26.67
N HIS A 282 17.64 4.43 -27.87
CA HIS A 282 18.40 4.17 -29.07
C HIS A 282 19.50 5.20 -29.25
N LEU A 283 20.67 4.94 -28.66
CA LEU A 283 21.81 5.83 -28.78
C LEU A 283 22.51 5.62 -30.13
N LYS A 284 22.21 6.47 -31.12
CA LYS A 284 22.83 6.37 -32.44
C LYS A 284 24.20 7.04 -32.48
N CYS A 285 25.13 6.46 -33.23
CA CYS A 285 26.47 7.02 -33.38
C CYS A 285 26.99 6.71 -34.77
N ARG A 286 27.90 7.54 -35.26
CA ARG A 286 28.49 7.34 -36.58
C ARG A 286 29.94 6.94 -36.40
N LEU A 287 30.37 5.95 -37.19
CA LEU A 287 31.73 5.45 -37.11
C LEU A 287 32.65 5.81 -38.26
N ARG A 288 33.79 6.39 -37.91
CA ARG A 288 34.81 6.78 -38.87
C ARG A 288 35.95 5.83 -38.57
N MET A 289 36.32 5.00 -39.54
CA MET A 289 37.37 4.02 -39.34
C MET A 289 38.62 4.29 -40.17
N ASP A 290 38.78 5.53 -40.61
CA ASP A 290 39.92 5.92 -41.42
C ASP A 290 41.24 5.63 -40.72
N LYS A 291 41.31 5.99 -39.44
CA LYS A 291 42.53 5.79 -38.65
C LYS A 291 42.67 4.36 -38.13
N LEU A 292 41.71 3.51 -38.49
CA LEU A 292 41.74 2.11 -38.09
C LEU A 292 42.38 1.30 -39.19
N GLN A 293 43.25 0.37 -38.79
CA GLN A 293 43.96 -0.46 -39.76
C GLN A 293 44.16 -1.91 -39.33
N LEU A 294 43.90 -2.83 -40.26
CA LEU A 294 44.04 -4.26 -40.03
C LEU A 294 45.34 -4.51 -39.28
N LYS A 295 45.41 -5.65 -38.60
CA LYS A 295 46.60 -5.95 -37.83
C LYS A 295 47.50 -7.03 -38.44
N GLY A 296 48.79 -6.72 -38.57
CA GLY A 296 49.74 -7.68 -39.11
C GLY A 296 49.69 -8.10 -40.57
N MET A 297 49.21 -7.23 -41.45
CA MET A 297 49.15 -7.55 -42.88
C MET A 297 50.60 -7.57 -43.41
N SER A 298 51.53 -7.74 -42.48
CA SER A 298 52.97 -7.78 -42.76
C SER A 298 53.47 -9.21 -42.50
N TYR A 299 52.55 -10.05 -42.03
CA TYR A 299 52.85 -11.44 -41.74
C TYR A 299 52.63 -12.30 -42.99
N SER A 300 53.03 -13.56 -42.89
CA SER A 300 52.87 -14.49 -44.00
C SER A 300 51.98 -15.64 -43.57
N MET A 301 51.14 -16.11 -44.49
CA MET A 301 50.24 -17.21 -44.23
C MET A 301 51.05 -18.31 -43.56
N CYS A 302 50.43 -19.06 -42.66
CA CYS A 302 51.15 -20.12 -41.98
C CYS A 302 51.24 -21.30 -42.95
N THR A 303 52.22 -22.17 -42.70
CA THR A 303 52.43 -23.33 -43.54
C THR A 303 52.04 -24.60 -42.78
N GLY A 304 52.24 -24.58 -41.47
CA GLY A 304 51.91 -25.72 -40.62
C GLY A 304 50.42 -26.07 -40.62
N LYS A 305 50.09 -27.12 -39.89
CA LYS A 305 48.72 -27.58 -39.79
C LYS A 305 48.12 -27.19 -38.47
N PHE A 306 46.80 -27.10 -38.42
CA PHE A 306 46.11 -26.73 -37.20
C PHE A 306 45.31 -27.86 -36.60
N LYS A 307 45.04 -27.74 -35.31
CA LYS A 307 44.29 -28.73 -34.55
C LYS A 307 43.05 -28.10 -33.92
N VAL A 308 41.87 -28.52 -34.36
CA VAL A 308 40.65 -27.97 -33.78
C VAL A 308 40.70 -28.16 -32.26
N VAL A 309 40.75 -27.06 -31.52
CA VAL A 309 40.81 -27.10 -30.06
C VAL A 309 39.41 -27.12 -29.45
N LYS A 310 38.46 -26.43 -30.10
CA LYS A 310 37.06 -26.37 -29.63
C LYS A 310 36.14 -26.54 -30.85
N GLU A 311 35.45 -27.67 -30.90
CA GLU A 311 34.55 -28.00 -32.00
C GLU A 311 33.68 -26.84 -32.49
N ILE A 312 33.44 -26.82 -33.81
CA ILE A 312 32.61 -25.81 -34.47
C ILE A 312 31.25 -25.68 -33.80
N ALA A 313 30.93 -24.47 -33.35
CA ALA A 313 29.65 -24.22 -32.67
C ALA A 313 28.88 -23.22 -33.48
N GLU A 314 27.57 -23.42 -33.60
CA GLU A 314 26.76 -22.48 -34.35
C GLU A 314 26.07 -21.50 -33.40
N THR A 315 26.01 -20.22 -33.78
CA THR A 315 25.41 -19.22 -32.93
C THR A 315 23.97 -18.98 -33.32
N GLN A 316 23.24 -18.30 -32.45
CA GLN A 316 21.83 -18.02 -32.72
C GLN A 316 21.59 -17.17 -33.96
N HIS A 317 22.63 -16.87 -34.72
CA HIS A 317 22.48 -16.09 -35.93
C HIS A 317 23.17 -16.74 -37.10
N GLY A 318 23.11 -18.07 -37.18
CA GLY A 318 23.72 -18.74 -38.31
C GLY A 318 25.23 -18.73 -38.42
N THR A 319 25.93 -17.89 -37.66
CA THR A 319 27.39 -17.90 -37.74
C THR A 319 27.95 -19.10 -36.99
N ILE A 320 29.18 -19.47 -37.27
CA ILE A 320 29.80 -20.59 -36.59
C ILE A 320 31.10 -20.08 -35.96
N VAL A 321 31.48 -20.64 -34.83
CA VAL A 321 32.69 -20.22 -34.18
C VAL A 321 33.48 -21.49 -34.00
N ILE A 322 34.79 -21.40 -34.19
CA ILE A 322 35.65 -22.55 -34.04
C ILE A 322 36.93 -22.08 -33.37
N ARG A 323 37.59 -22.96 -32.63
CA ARG A 323 38.85 -22.62 -31.97
C ARG A 323 39.87 -23.62 -32.44
N VAL A 324 41.01 -23.13 -32.89
CA VAL A 324 42.04 -24.01 -33.38
C VAL A 324 43.37 -23.62 -32.77
N GLN A 325 44.31 -24.56 -32.80
CA GLN A 325 45.64 -24.31 -32.28
C GLN A 325 46.64 -24.64 -33.36
N TYR A 326 47.70 -23.83 -33.45
CA TYR A 326 48.72 -24.01 -34.47
C TYR A 326 49.82 -24.95 -33.97
N GLU A 327 50.24 -25.86 -34.83
CA GLU A 327 51.29 -26.80 -34.47
C GLU A 327 52.53 -26.55 -35.33
N GLY A 328 52.40 -25.65 -36.30
CA GLY A 328 53.52 -25.32 -37.17
C GLY A 328 54.53 -24.41 -36.50
N ASP A 329 55.73 -24.33 -37.08
CA ASP A 329 56.79 -23.49 -36.51
C ASP A 329 56.68 -22.03 -36.91
N GLY A 330 55.86 -21.76 -37.92
CA GLY A 330 55.67 -20.42 -38.43
C GLY A 330 55.69 -19.20 -37.51
N SER A 331 55.40 -19.38 -36.21
CA SER A 331 55.38 -18.25 -35.27
C SER A 331 54.42 -17.19 -35.83
N PRO A 332 54.40 -15.95 -35.28
CA PRO A 332 53.48 -14.92 -35.80
C PRO A 332 53.18 -14.97 -37.30
N CYS A 333 52.09 -15.65 -37.65
CA CYS A 333 51.64 -15.83 -39.05
C CYS A 333 50.11 -15.75 -39.19
N LYS A 334 49.63 -15.69 -40.43
CA LYS A 334 48.20 -15.62 -40.70
C LYS A 334 47.61 -17.02 -40.93
N ILE A 335 46.35 -17.20 -40.54
CA ILE A 335 45.67 -18.49 -40.68
C ILE A 335 44.87 -18.57 -41.98
N PRO A 336 45.16 -19.57 -42.82
CA PRO A 336 44.42 -19.73 -44.08
C PRO A 336 43.01 -20.14 -43.70
N PHE A 337 41.99 -19.48 -44.23
CA PHE A 337 40.65 -19.84 -43.82
C PHE A 337 39.60 -19.52 -44.84
N GLU A 338 39.00 -20.54 -45.41
CA GLU A 338 37.97 -20.31 -46.40
C GLU A 338 36.81 -21.25 -46.28
N ILE A 339 35.64 -20.74 -46.66
CA ILE A 339 34.44 -21.54 -46.65
C ILE A 339 34.12 -21.82 -48.12
N MET A 340 34.75 -22.88 -48.63
CA MET A 340 34.61 -23.35 -50.00
C MET A 340 33.28 -24.03 -50.17
N ASP A 341 33.09 -24.63 -51.33
CA ASP A 341 31.86 -25.34 -51.65
C ASP A 341 32.13 -26.83 -51.52
N LEU A 342 31.07 -27.62 -51.71
CA LEU A 342 31.12 -29.07 -51.60
C LEU A 342 32.27 -29.74 -52.34
N GLU A 343 32.74 -29.12 -53.42
CA GLU A 343 33.81 -29.68 -54.22
C GLU A 343 35.15 -28.93 -54.12
N LYS A 344 35.31 -28.07 -53.12
CA LYS A 344 36.54 -27.31 -52.90
C LYS A 344 37.03 -26.45 -54.09
N ARG A 345 36.10 -25.96 -54.89
CA ARG A 345 36.39 -25.13 -56.07
C ARG A 345 36.17 -23.65 -55.81
N HIS A 346 34.91 -23.26 -55.68
CA HIS A 346 34.54 -21.87 -55.45
C HIS A 346 34.48 -21.51 -53.96
N VAL A 347 34.07 -20.28 -53.65
CA VAL A 347 33.98 -19.84 -52.25
C VAL A 347 32.55 -19.46 -51.92
N LEU A 348 32.04 -19.90 -50.76
CA LEU A 348 30.66 -19.63 -50.41
C LEU A 348 30.41 -18.84 -49.12
N GLY A 349 31.44 -18.71 -48.29
CA GLY A 349 31.24 -18.00 -47.04
C GLY A 349 32.31 -16.96 -46.77
N ARG A 350 32.02 -16.10 -45.78
CA ARG A 350 32.91 -15.00 -45.38
C ARG A 350 33.29 -15.08 -43.92
N LEU A 351 34.48 -14.60 -43.60
CA LEU A 351 34.93 -14.56 -42.21
C LEU A 351 34.26 -13.39 -41.52
N ILE A 352 33.78 -13.57 -40.29
CA ILE A 352 33.21 -12.46 -39.54
C ILE A 352 34.41 -11.92 -38.77
N THR A 353 35.21 -12.82 -38.21
CA THR A 353 36.42 -12.44 -37.50
C THR A 353 37.46 -12.42 -38.61
N VAL A 354 37.53 -11.29 -39.30
CA VAL A 354 38.45 -11.09 -40.42
C VAL A 354 39.91 -11.17 -40.06
N ASN A 355 40.72 -11.53 -41.05
CA ASN A 355 42.17 -11.64 -40.88
C ASN A 355 42.60 -12.35 -39.58
N PRO A 356 42.47 -13.68 -39.53
CA PRO A 356 42.85 -14.49 -38.36
C PRO A 356 44.35 -14.71 -38.36
N ILE A 357 45.00 -14.55 -37.21
CA ILE A 357 46.44 -14.74 -37.15
C ILE A 357 46.89 -15.40 -35.86
N VAL A 358 47.81 -16.37 -35.96
CA VAL A 358 48.32 -17.02 -34.75
C VAL A 358 49.33 -16.06 -34.14
N THR A 359 49.56 -16.17 -32.83
CA THR A 359 50.49 -15.26 -32.17
C THR A 359 51.40 -16.00 -31.21
N GLU A 360 51.06 -17.25 -30.92
CA GLU A 360 51.87 -18.05 -30.03
C GLU A 360 51.58 -19.53 -30.20
N LYS A 361 52.61 -20.28 -30.55
CA LYS A 361 52.53 -21.71 -30.75
C LYS A 361 51.51 -22.34 -29.80
N ASP A 362 51.38 -21.78 -28.61
CA ASP A 362 50.45 -22.36 -27.62
C ASP A 362 49.21 -21.54 -27.25
N SER A 363 48.84 -20.57 -28.08
CA SER A 363 47.64 -19.80 -27.79
C SER A 363 46.60 -20.06 -28.88
N PRO A 364 45.54 -20.81 -28.53
CA PRO A 364 44.49 -21.14 -29.49
C PRO A 364 43.88 -19.87 -30.02
N VAL A 365 43.29 -19.95 -31.21
CA VAL A 365 42.67 -18.78 -31.82
C VAL A 365 41.19 -19.02 -32.14
N ASN A 366 40.35 -18.04 -31.81
CA ASN A 366 38.92 -18.15 -32.05
C ASN A 366 38.55 -17.46 -33.34
N ILE A 367 37.82 -18.14 -34.20
CA ILE A 367 37.41 -17.58 -35.47
C ILE A 367 35.91 -17.71 -35.69
N GLU A 368 35.25 -16.61 -36.06
CA GLU A 368 33.82 -16.70 -36.32
C GLU A 368 33.63 -16.45 -37.80
N ALA A 369 33.09 -17.43 -38.53
CA ALA A 369 32.84 -17.27 -39.96
C ALA A 369 31.34 -17.32 -40.18
N GLU A 370 30.92 -17.01 -41.41
CA GLU A 370 29.51 -17.04 -41.74
C GLU A 370 29.35 -17.91 -42.97
N PRO A 371 29.03 -19.18 -42.76
CA PRO A 371 28.87 -20.05 -43.92
C PRO A 371 27.52 -19.82 -44.54
N PRO A 372 27.31 -20.33 -45.78
CA PRO A 372 26.05 -20.18 -46.49
C PRO A 372 25.02 -21.10 -45.89
N PHE A 373 23.83 -21.09 -46.44
CA PHE A 373 22.80 -21.98 -45.94
C PHE A 373 23.14 -23.29 -46.62
N GLY A 374 22.78 -24.41 -46.02
CA GLY A 374 23.12 -25.68 -46.64
C GLY A 374 24.58 -26.08 -46.39
N ASP A 375 25.13 -26.93 -47.24
CA ASP A 375 26.50 -27.40 -47.07
C ASP A 375 27.55 -26.41 -47.48
N SER A 376 28.76 -26.65 -47.00
CA SER A 376 29.90 -25.82 -47.26
C SER A 376 31.02 -26.52 -46.54
N TYR A 377 32.24 -26.07 -46.76
CA TYR A 377 33.36 -26.73 -46.14
C TYR A 377 34.37 -25.77 -45.54
N ILE A 378 34.53 -25.83 -44.23
CA ILE A 378 35.47 -24.96 -43.56
C ILE A 378 36.89 -25.48 -43.78
N ILE A 379 37.60 -24.90 -44.75
CA ILE A 379 38.96 -25.30 -45.06
C ILE A 379 39.93 -24.39 -44.28
N ILE A 380 40.66 -24.98 -43.33
CA ILE A 380 41.61 -24.27 -42.49
C ILE A 380 43.01 -24.86 -42.69
N GLY A 381 44.02 -23.99 -42.73
CA GLY A 381 45.38 -24.46 -42.89
C GLY A 381 45.73 -24.64 -44.36
N VAL A 382 46.87 -25.30 -44.60
CA VAL A 382 47.34 -25.56 -45.96
C VAL A 382 47.74 -27.02 -46.23
N GLU A 383 47.54 -27.43 -47.49
CA GLU A 383 47.81 -28.78 -48.03
C GLU A 383 48.22 -29.82 -46.97
N PRO A 384 49.52 -29.84 -46.52
CA PRO A 384 49.87 -30.79 -45.49
C PRO A 384 49.09 -30.84 -44.23
N GLY A 385 47.94 -31.50 -44.26
CA GLY A 385 47.12 -31.60 -43.05
C GLY A 385 46.00 -30.58 -43.02
N GLN A 386 45.70 -29.98 -44.16
CA GLN A 386 44.67 -28.97 -44.23
C GLN A 386 43.33 -29.50 -43.72
N LEU A 387 42.83 -28.90 -42.65
CA LEU A 387 41.56 -29.32 -42.09
C LEU A 387 40.46 -29.01 -43.09
N LYS A 388 39.63 -30.01 -43.34
CA LYS A 388 38.49 -29.84 -44.23
C LYS A 388 37.26 -30.31 -43.46
N LEU A 389 36.78 -29.46 -42.55
CA LEU A 389 35.61 -29.75 -41.74
C LEU A 389 34.38 -29.35 -42.53
N ASN A 390 33.42 -30.25 -42.68
CA ASN A 390 32.22 -29.94 -43.42
C ASN A 390 31.16 -29.38 -42.50
N TRP A 391 30.19 -28.65 -43.06
CA TRP A 391 29.16 -28.03 -42.25
C TRP A 391 27.81 -27.79 -42.98
N PHE A 392 26.73 -27.72 -42.21
CA PHE A 392 25.38 -27.51 -42.74
C PHE A 392 24.68 -26.41 -41.94
N LYS A 393 24.20 -25.37 -42.63
CA LYS A 393 23.55 -24.24 -41.96
C LYS A 393 22.03 -24.16 -42.08
N LYS A 394 21.42 -23.64 -41.01
CA LYS A 394 19.97 -23.45 -40.90
C LYS A 394 19.24 -24.68 -41.39
N MET B 1 -31.13 8.82 33.68
CA MET B 1 -30.94 10.23 33.24
C MET B 1 -29.68 10.34 32.42
N ARG B 2 -29.15 9.20 32.03
CA ARG B 2 -27.93 9.16 31.23
C ARG B 2 -28.19 9.80 29.88
N CYS B 3 -29.41 9.67 29.37
CA CYS B 3 -29.70 10.25 28.07
C CYS B 3 -29.72 11.76 28.01
N ILE B 4 -30.05 12.41 29.11
CA ILE B 4 -30.12 13.86 29.11
C ILE B 4 -28.82 14.52 28.66
N GLY B 5 -28.80 14.99 27.42
CA GLY B 5 -27.61 15.64 26.92
C GLY B 5 -27.09 15.01 25.67
N ILE B 6 -27.74 13.93 25.26
CA ILE B 6 -27.34 13.22 24.06
C ILE B 6 -28.19 13.71 22.91
N SER B 7 -27.54 13.90 21.77
CA SER B 7 -28.21 14.37 20.57
C SER B 7 -29.22 13.34 20.10
N ASN B 8 -28.73 12.18 19.69
CA ASN B 8 -29.59 11.13 19.22
C ASN B 8 -30.36 10.47 20.36
N ARG B 9 -31.37 11.16 20.89
CA ARG B 9 -32.18 10.64 21.99
C ARG B 9 -33.60 10.42 21.53
N ASP B 10 -34.09 9.21 21.72
CA ASP B 10 -35.45 8.85 21.34
C ASP B 10 -36.32 8.66 22.56
N PHE B 11 -37.49 9.29 22.56
CA PHE B 11 -38.44 9.14 23.67
C PHE B 11 -39.51 8.12 23.28
N VAL B 12 -39.67 7.10 24.11
CA VAL B 12 -40.64 6.02 23.86
C VAL B 12 -41.66 5.94 24.99
N GLU B 13 -42.94 6.00 24.62
CA GLU B 13 -43.99 5.92 25.63
C GLU B 13 -44.82 4.64 25.53
N GLY B 14 -45.26 4.16 26.69
CA GLY B 14 -46.02 2.93 26.76
C GLY B 14 -47.38 2.94 26.11
N VAL B 15 -47.73 1.81 25.49
CA VAL B 15 -49.00 1.65 24.81
C VAL B 15 -50.16 1.82 25.80
N SER B 16 -50.77 3.02 25.78
CA SER B 16 -51.89 3.38 26.66
C SER B 16 -52.62 2.18 27.27
N GLY B 17 -52.25 1.79 28.49
CA GLY B 17 -52.87 0.63 29.11
C GLY B 17 -51.84 -0.46 29.33
N GLY B 18 -51.46 -1.14 28.25
CA GLY B 18 -50.47 -2.21 28.32
C GLY B 18 -49.09 -1.72 28.74
N SER B 19 -48.52 -2.32 29.79
CA SER B 19 -47.21 -1.91 30.30
C SER B 19 -46.10 -2.65 29.55
N TRP B 20 -46.20 -2.62 28.22
CA TRP B 20 -45.22 -3.24 27.33
C TRP B 20 -44.79 -2.18 26.30
N VAL B 21 -43.50 -2.00 26.12
CA VAL B 21 -43.03 -0.99 25.17
C VAL B 21 -41.84 -1.48 24.36
N ASP B 22 -41.87 -1.20 23.06
CA ASP B 22 -40.80 -1.59 22.16
C ASP B 22 -39.85 -0.43 21.90
N ILE B 23 -38.55 -0.70 22.03
CA ILE B 23 -37.53 0.32 21.83
C ILE B 23 -36.46 -0.20 20.88
N VAL B 24 -35.71 0.72 20.29
CA VAL B 24 -34.64 0.32 19.38
C VAL B 24 -33.33 0.98 19.80
N LEU B 25 -32.28 0.18 19.96
CA LEU B 25 -31.00 0.73 20.35
C LEU B 25 -29.96 0.57 19.25
N GLU B 26 -28.89 1.34 19.35
CA GLU B 26 -27.79 1.29 18.40
C GLU B 26 -26.76 2.25 18.97
N HIS B 27 -25.48 1.89 18.87
CA HIS B 27 -24.43 2.76 19.38
C HIS B 27 -24.67 4.18 18.93
N GLY B 28 -24.50 5.13 19.85
CA GLY B 28 -24.68 6.52 19.50
C GLY B 28 -26.12 6.94 19.63
N SER B 29 -26.94 6.05 20.18
CA SER B 29 -28.35 6.34 20.37
C SER B 29 -28.72 6.18 21.83
N CYS B 30 -29.85 6.74 22.21
CA CYS B 30 -30.32 6.69 23.59
C CYS B 30 -31.82 6.68 23.52
N VAL B 31 -32.47 6.01 24.47
CA VAL B 31 -33.92 5.94 24.48
C VAL B 31 -34.46 6.18 25.86
N THR B 32 -35.43 7.08 25.98
CA THR B 32 -36.02 7.39 27.26
C THR B 32 -37.44 6.84 27.23
N THR B 33 -37.69 5.78 27.97
CA THR B 33 -38.99 5.13 28.01
C THR B 33 -39.85 5.63 29.16
N MET B 34 -41.14 5.80 28.89
CA MET B 34 -42.09 6.24 29.90
C MET B 34 -43.33 5.38 29.82
N ALA B 35 -44.04 5.26 30.94
CA ALA B 35 -45.26 4.46 30.95
C ALA B 35 -46.08 4.79 32.18
N LYS B 36 -47.39 4.94 31.99
CA LYS B 36 -48.31 5.27 33.08
C LYS B 36 -47.91 4.60 34.39
N ASN B 37 -47.88 5.38 35.46
CA ASN B 37 -47.46 4.90 36.77
C ASN B 37 -46.30 3.93 36.76
N LYS B 38 -45.24 4.29 36.03
CA LYS B 38 -44.03 3.51 35.92
C LYS B 38 -42.85 4.48 35.87
N PRO B 39 -41.70 4.09 36.45
CA PRO B 39 -40.53 4.96 36.45
C PRO B 39 -40.07 5.25 35.02
N THR B 40 -39.50 6.42 34.79
CA THR B 40 -39.01 6.73 33.45
C THR B 40 -37.60 6.14 33.42
N LEU B 41 -37.26 5.42 32.38
CA LEU B 41 -35.95 4.79 32.30
C LEU B 41 -35.20 5.21 31.05
N ASP B 42 -33.87 5.14 31.10
CA ASP B 42 -33.05 5.49 29.96
C ASP B 42 -32.28 4.26 29.55
N PHE B 43 -32.31 3.93 28.27
CA PHE B 43 -31.61 2.75 27.79
C PHE B 43 -30.55 3.17 26.78
N GLU B 44 -29.39 2.58 26.89
CA GLU B 44 -28.31 2.83 25.95
C GLU B 44 -27.56 1.54 25.75
N LEU B 45 -27.21 1.25 24.50
CA LEU B 45 -26.49 0.04 24.18
C LEU B 45 -24.99 0.28 24.19
N ILE B 46 -24.34 -0.06 25.29
CA ILE B 46 -22.90 0.11 25.46
C ILE B 46 -22.09 -0.51 24.34
N LYS B 47 -21.96 -1.84 24.34
CA LYS B 47 -21.15 -2.51 23.32
C LYS B 47 -21.81 -3.74 22.71
N THR B 48 -21.35 -4.10 21.53
CA THR B 48 -21.84 -5.28 20.82
C THR B 48 -20.60 -6.11 20.51
N GLU B 49 -20.41 -7.19 21.25
CA GLU B 49 -19.23 -8.04 21.06
C GLU B 49 -19.45 -9.46 20.55
N ALA B 50 -18.92 -9.75 19.36
CA ALA B 50 -19.00 -11.09 18.81
C ALA B 50 -18.03 -11.90 19.67
N LYS B 51 -18.49 -13.01 20.24
CA LYS B 51 -17.66 -13.81 21.13
C LYS B 51 -16.36 -14.33 20.59
N GLN B 52 -16.47 -15.07 19.53
CA GLN B 52 -15.24 -15.58 19.02
C GLN B 52 -15.46 -16.10 17.64
N PRO B 53 -15.44 -15.20 16.64
CA PRO B 53 -15.64 -15.57 15.25
C PRO B 53 -14.55 -16.51 14.78
N ALA B 54 -14.71 -16.99 13.55
CA ALA B 54 -13.75 -17.91 12.96
C ALA B 54 -12.99 -17.30 11.81
N THR B 55 -11.67 -17.46 11.84
CA THR B 55 -10.77 -16.93 10.82
C THR B 55 -10.99 -17.60 9.46
N LEU B 56 -11.92 -17.08 8.66
CA LEU B 56 -12.20 -17.64 7.33
C LEU B 56 -10.94 -17.77 6.48
N ARG B 57 -10.12 -16.73 6.47
CA ARG B 57 -8.90 -16.74 5.67
C ARG B 57 -7.89 -15.74 6.26
N LYS B 58 -6.69 -15.69 5.69
CA LYS B 58 -5.67 -14.79 6.22
C LYS B 58 -4.70 -14.36 5.11
N TYR B 59 -4.93 -13.14 4.59
CA TYR B 59 -4.12 -12.56 3.52
C TYR B 59 -2.85 -11.88 3.99
N CYS B 60 -1.79 -11.98 3.20
CA CYS B 60 -0.54 -11.34 3.54
C CYS B 60 -0.53 -10.09 2.69
N ILE B 61 -0.29 -8.94 3.31
CA ILE B 61 -0.29 -7.66 2.60
C ILE B 61 1.07 -6.98 2.53
N GLU B 62 2.13 -7.69 2.88
CA GLU B 62 3.47 -7.13 2.84
C GLU B 62 4.46 -8.26 3.10
N ALA B 63 5.39 -8.47 2.17
CA ALA B 63 6.32 -9.58 2.33
C ALA B 63 7.77 -9.24 2.06
N LYS B 64 8.63 -10.19 2.41
CA LYS B 64 10.07 -10.05 2.22
C LYS B 64 10.63 -11.27 1.50
N LEU B 65 11.42 -11.03 0.46
CA LEU B 65 12.04 -12.12 -0.28
C LEU B 65 13.46 -12.30 0.23
N THR B 66 13.85 -13.55 0.47
CA THR B 66 15.18 -13.87 0.97
C THR B 66 15.74 -15.15 0.38
N ASN B 67 16.93 -15.53 0.82
CA ASN B 67 17.59 -16.75 0.34
C ASN B 67 17.33 -17.10 -1.13
N THR B 68 17.55 -16.14 -2.03
CA THR B 68 17.34 -16.40 -3.44
C THR B 68 18.40 -17.35 -3.95
N THR B 69 18.02 -18.30 -4.80
CA THR B 69 18.97 -19.24 -5.35
C THR B 69 18.52 -19.61 -6.74
N THR B 70 19.43 -20.06 -7.57
CA THR B 70 19.05 -20.41 -8.93
C THR B 70 19.89 -21.49 -9.58
N GLU B 71 19.27 -22.24 -10.47
CA GLU B 71 19.94 -23.32 -11.17
C GLU B 71 19.75 -23.09 -12.65
N SER B 72 20.75 -23.43 -13.45
CA SER B 72 20.65 -23.26 -14.89
C SER B 72 21.32 -24.41 -15.62
N ARG B 73 21.01 -24.54 -16.90
CA ARG B 73 21.57 -25.62 -17.70
C ARG B 73 21.99 -25.09 -19.04
N CYS B 74 22.91 -25.80 -19.69
CA CYS B 74 23.37 -25.42 -21.00
C CYS B 74 22.32 -25.83 -22.01
N PRO B 75 22.40 -25.32 -23.23
CA PRO B 75 21.40 -25.70 -24.23
C PRO B 75 21.45 -27.21 -24.46
N THR B 76 20.29 -27.83 -24.58
CA THR B 76 20.16 -29.28 -24.77
C THR B 76 20.63 -30.10 -23.58
N GLN B 77 20.33 -29.65 -22.38
CA GLN B 77 20.71 -30.34 -21.16
C GLN B 77 19.51 -30.42 -20.20
N GLY B 78 18.31 -30.36 -20.78
CA GLY B 78 17.12 -30.45 -19.96
C GLY B 78 16.92 -29.30 -19.00
N GLU B 79 15.81 -29.33 -18.27
CA GLU B 79 15.50 -28.26 -17.33
C GLU B 79 16.35 -28.27 -16.10
N PRO B 80 16.57 -27.09 -15.50
CA PRO B 80 17.36 -26.92 -14.30
C PRO B 80 16.50 -27.45 -13.19
N THR B 81 17.05 -27.60 -11.99
CA THR B 81 16.26 -28.11 -10.87
C THR B 81 16.76 -27.54 -9.58
N LEU B 82 15.84 -27.11 -8.73
CA LEU B 82 16.24 -26.59 -7.44
C LEU B 82 15.44 -27.36 -6.40
N ASN B 83 16.08 -27.69 -5.28
CA ASN B 83 15.39 -28.42 -4.23
C ASN B 83 14.27 -27.56 -3.73
N GLU B 84 14.55 -26.27 -3.59
CA GLU B 84 13.55 -25.33 -3.09
C GLU B 84 12.29 -25.34 -3.94
N GLU B 85 12.40 -25.82 -5.18
CA GLU B 85 11.27 -25.90 -6.08
C GLU B 85 10.12 -26.65 -5.37
N GLN B 86 10.44 -27.40 -4.31
CA GLN B 86 9.42 -28.15 -3.55
C GLN B 86 9.13 -27.59 -2.14
N ASP B 87 9.95 -26.66 -1.68
CA ASP B 87 9.76 -26.04 -0.37
C ASP B 87 8.64 -25.02 -0.43
N LYS B 88 7.47 -25.36 0.08
CA LYS B 88 6.32 -24.46 0.08
C LYS B 88 6.61 -23.02 0.51
N ARG B 89 7.70 -22.75 1.19
CA ARG B 89 7.97 -21.37 1.59
C ARG B 89 8.64 -20.57 0.46
N PHE B 90 9.12 -21.32 -0.54
CA PHE B 90 9.79 -20.73 -1.68
C PHE B 90 8.87 -20.54 -2.89
N VAL B 91 9.11 -19.45 -3.61
CA VAL B 91 8.36 -19.15 -4.82
C VAL B 91 9.37 -19.27 -5.98
N CYS B 92 9.06 -20.08 -6.98
CA CYS B 92 10.01 -20.25 -8.09
C CYS B 92 9.41 -20.04 -9.47
N LYS B 93 10.27 -19.84 -10.47
CA LYS B 93 9.86 -19.63 -11.85
C LYS B 93 10.93 -20.12 -12.80
N HIS B 94 10.54 -20.85 -13.83
CA HIS B 94 11.52 -21.32 -14.81
C HIS B 94 11.66 -20.26 -15.91
N SER B 95 12.77 -20.23 -16.63
CA SER B 95 12.93 -19.23 -17.65
C SER B 95 14.00 -19.68 -18.63
N MET B 96 14.52 -18.77 -19.45
CA MET B 96 15.54 -19.12 -20.41
C MET B 96 16.52 -17.98 -20.55
N VAL B 97 17.78 -18.29 -20.83
CA VAL B 97 18.79 -17.28 -20.98
C VAL B 97 19.75 -17.70 -22.07
N ASP B 98 20.41 -16.73 -22.70
CA ASP B 98 21.34 -17.07 -23.75
C ASP B 98 22.58 -17.68 -23.14
N ARG B 99 23.10 -18.70 -23.79
CA ARG B 99 24.30 -19.36 -23.31
C ARG B 99 25.20 -19.65 -24.48
N GLY B 100 26.50 -19.73 -24.19
CA GLY B 100 27.47 -20.03 -25.22
C GLY B 100 28.83 -20.06 -24.56
N TRP B 101 29.88 -20.13 -25.38
CA TRP B 101 31.24 -20.15 -24.88
C TRP B 101 31.45 -19.14 -23.76
N GLY B 102 31.23 -17.87 -24.06
CA GLY B 102 31.41 -16.82 -23.08
C GLY B 102 30.87 -17.08 -21.68
N ASN B 103 29.95 -18.02 -21.52
CA ASN B 103 29.45 -18.23 -20.18
C ASN B 103 29.21 -19.68 -19.76
N GLY B 104 30.11 -20.56 -20.16
CA GLY B 104 30.00 -21.93 -19.75
C GLY B 104 29.52 -23.03 -20.65
N CYS B 105 28.98 -22.73 -21.82
CA CYS B 105 28.50 -23.82 -22.65
C CYS B 105 29.25 -24.01 -23.93
N GLY B 106 29.22 -25.23 -24.45
CA GLY B 106 29.92 -25.51 -25.68
C GLY B 106 29.00 -25.22 -26.84
N LEU B 107 27.73 -25.01 -26.55
CA LEU B 107 26.76 -24.71 -27.60
C LEU B 107 26.18 -23.33 -27.36
N PHE B 108 25.76 -22.68 -28.43
CA PHE B 108 25.16 -21.37 -28.31
C PHE B 108 23.67 -21.58 -28.48
N GLY B 109 22.87 -20.97 -27.61
CA GLY B 109 21.44 -21.11 -27.71
C GLY B 109 20.77 -20.74 -26.41
N LYS B 110 19.46 -20.90 -26.33
CA LYS B 110 18.70 -20.61 -25.13
C LYS B 110 18.85 -21.74 -24.13
N GLY B 111 19.36 -21.43 -22.94
CA GLY B 111 19.56 -22.45 -21.94
C GLY B 111 18.55 -22.27 -20.83
N GLY B 112 18.05 -23.38 -20.29
CA GLY B 112 17.06 -23.30 -19.22
C GLY B 112 17.58 -22.73 -17.92
N ILE B 113 16.66 -22.18 -17.12
CA ILE B 113 17.01 -21.59 -15.84
C ILE B 113 15.80 -21.71 -14.90
N VAL B 114 16.01 -21.51 -13.61
CA VAL B 114 14.94 -21.58 -12.59
C VAL B 114 15.42 -20.83 -11.35
N THR B 115 14.61 -19.90 -10.89
CA THR B 115 15.00 -19.10 -9.76
C THR B 115 13.99 -19.23 -8.63
N CYS B 116 14.49 -19.29 -7.40
CA CYS B 116 13.64 -19.40 -6.22
C CYS B 116 14.07 -18.43 -5.14
N ALA B 117 13.10 -17.89 -4.43
CA ALA B 117 13.36 -16.95 -3.36
C ALA B 117 12.38 -17.29 -2.26
N MET B 118 12.85 -17.23 -1.01
CA MET B 118 12.03 -17.55 0.13
C MET B 118 11.12 -16.40 0.52
N PHE B 119 9.82 -16.71 0.55
CA PHE B 119 8.79 -15.74 0.85
C PHE B 119 8.47 -15.74 2.34
N THR B 120 8.61 -14.58 2.96
CA THR B 120 8.37 -14.41 4.38
C THR B 120 7.37 -13.28 4.58
N CYS B 121 6.19 -13.57 5.12
CA CYS B 121 5.21 -12.52 5.32
C CYS B 121 5.61 -11.62 6.48
N LYS B 122 5.30 -10.33 6.37
CA LYS B 122 5.64 -9.35 7.39
C LYS B 122 4.43 -8.75 8.09
N LYS B 123 3.32 -8.64 7.36
CA LYS B 123 2.10 -8.08 7.92
C LYS B 123 0.93 -8.77 7.22
N ASN B 124 -0.15 -9.03 7.94
CA ASN B 124 -1.29 -9.71 7.35
C ASN B 124 -2.65 -9.31 7.86
N MET B 125 -3.66 -9.48 7.01
CA MET B 125 -5.03 -9.16 7.36
C MET B 125 -5.57 -10.41 8.00
N GLU B 126 -6.87 -10.48 8.17
CA GLU B 126 -7.46 -11.66 8.78
C GLU B 126 -8.97 -11.56 8.68
N GLY B 127 -9.54 -12.03 7.56
CA GLY B 127 -10.99 -12.00 7.40
C GLY B 127 -11.62 -12.94 8.42
N LYS B 128 -12.79 -12.61 8.95
CA LYS B 128 -13.44 -13.47 9.93
C LYS B 128 -14.93 -13.57 9.71
N ILE B 129 -15.54 -14.61 10.28
CA ILE B 129 -16.98 -14.82 10.13
C ILE B 129 -17.66 -14.79 11.49
N VAL B 130 -18.73 -14.01 11.55
CA VAL B 130 -19.50 -13.87 12.79
C VAL B 130 -20.91 -14.38 12.60
N GLN B 131 -21.40 -15.09 13.61
CA GLN B 131 -22.74 -15.63 13.57
C GLN B 131 -23.61 -14.93 14.57
N PRO B 132 -24.57 -14.21 14.02
CA PRO B 132 -25.51 -13.46 14.85
C PRO B 132 -25.85 -14.18 16.15
N GLU B 133 -26.01 -15.49 16.07
CA GLU B 133 -26.36 -16.29 17.25
C GLU B 133 -25.51 -15.95 18.47
N ASN B 134 -24.20 -15.80 18.25
CA ASN B 134 -23.29 -15.51 19.34
C ASN B 134 -22.83 -14.07 19.46
N LEU B 135 -23.80 -13.16 19.57
CA LEU B 135 -23.51 -11.73 19.73
C LEU B 135 -24.05 -11.25 21.06
N GLU B 136 -23.14 -10.99 22.01
CA GLU B 136 -23.52 -10.53 23.35
C GLU B 136 -23.67 -9.02 23.41
N TYR B 137 -24.90 -8.53 23.33
CA TYR B 137 -25.16 -7.09 23.41
C TYR B 137 -25.21 -6.62 24.86
N THR B 138 -24.38 -5.66 25.21
CA THR B 138 -24.40 -5.12 26.57
C THR B 138 -25.31 -3.89 26.54
N VAL B 139 -26.13 -3.72 27.58
CA VAL B 139 -27.05 -2.59 27.64
C VAL B 139 -27.13 -2.03 29.05
N VAL B 140 -26.99 -0.70 29.16
CA VAL B 140 -27.07 -0.06 30.47
C VAL B 140 -28.41 0.63 30.66
N ILE B 141 -29.09 0.28 31.74
CA ILE B 141 -30.40 0.85 32.09
C ILE B 141 -30.23 1.84 33.23
N THR B 142 -30.50 3.11 32.96
CA THR B 142 -30.36 4.15 33.95
C THR B 142 -31.70 4.80 34.20
N PRO B 143 -32.31 4.55 35.35
CA PRO B 143 -33.62 5.12 35.69
C PRO B 143 -33.55 6.58 36.06
N HIS B 144 -34.64 7.30 35.82
CA HIS B 144 -34.68 8.70 36.14
C HIS B 144 -34.89 8.90 37.63
N SER B 145 -33.83 8.61 38.38
CA SER B 145 -33.79 8.72 39.83
C SER B 145 -33.86 10.14 40.35
N GLY B 146 -33.36 11.08 39.56
CA GLY B 146 -33.37 12.47 39.99
C GLY B 146 -32.11 12.76 40.77
N GLU B 147 -31.35 11.70 41.03
CA GLU B 147 -30.09 11.76 41.77
C GLU B 147 -29.26 12.98 41.35
N GLU B 148 -28.60 13.60 42.33
CA GLU B 148 -27.79 14.78 42.08
C GLU B 148 -26.88 14.73 40.87
N HIS B 149 -26.05 13.70 40.78
CA HIS B 149 -25.11 13.57 39.67
C HIS B 149 -25.54 12.66 38.53
N ALA B 150 -26.82 12.40 38.40
CA ALA B 150 -27.29 11.50 37.36
C ALA B 150 -27.34 12.08 35.96
N VAL B 151 -27.87 13.30 35.84
CA VAL B 151 -28.01 13.93 34.53
C VAL B 151 -26.76 13.78 33.67
N GLY B 152 -26.91 13.10 32.55
CA GLY B 152 -25.83 12.90 31.63
C GLY B 152 -24.60 12.14 32.09
N ASN B 153 -24.58 11.71 33.35
CA ASN B 153 -23.44 10.97 33.89
C ASN B 153 -23.21 9.65 33.14
N ASP B 154 -22.14 9.56 32.38
CA ASP B 154 -21.87 8.34 31.62
C ASP B 154 -20.86 7.43 32.27
N THR B 155 -20.79 7.49 33.60
CA THR B 155 -19.88 6.66 34.39
C THR B 155 -20.29 5.19 34.39
N GLY B 156 -21.59 4.97 34.43
CA GLY B 156 -22.10 3.62 34.47
C GLY B 156 -22.55 3.31 35.88
N LYS B 157 -21.92 3.98 36.83
CA LYS B 157 -22.22 3.78 38.24
C LYS B 157 -23.59 4.32 38.62
N HIS B 158 -24.48 4.44 37.66
CA HIS B 158 -25.83 4.95 37.95
C HIS B 158 -26.88 3.98 37.43
N GLY B 159 -26.52 3.26 36.37
CA GLY B 159 -27.44 2.30 35.79
C GLY B 159 -26.96 0.89 36.04
N LYS B 160 -27.80 -0.09 35.69
CA LYS B 160 -27.44 -1.49 35.87
C LYS B 160 -27.13 -2.07 34.50
N GLU B 161 -25.92 -2.59 34.36
CA GLU B 161 -25.46 -3.16 33.10
C GLU B 161 -26.10 -4.53 32.91
N VAL B 162 -26.61 -4.77 31.71
CA VAL B 162 -27.28 -6.02 31.36
C VAL B 162 -26.73 -6.70 30.12
N LYS B 163 -26.28 -7.95 30.25
CA LYS B 163 -25.75 -8.71 29.12
C LYS B 163 -26.94 -9.37 28.41
N ILE B 164 -26.90 -9.47 27.09
CA ILE B 164 -28.00 -10.06 26.36
C ILE B 164 -27.56 -10.86 25.13
N THR B 165 -28.34 -11.89 24.79
CA THR B 165 -28.05 -12.74 23.62
C THR B 165 -29.36 -13.25 22.99
N PRO B 166 -29.42 -13.27 21.65
CA PRO B 166 -30.61 -13.74 20.91
C PRO B 166 -30.86 -15.20 21.27
N GLN B 167 -29.75 -15.91 21.49
CA GLN B 167 -29.74 -17.31 21.86
C GLN B 167 -29.58 -17.37 23.37
N SER B 168 -30.44 -16.61 24.06
CA SER B 168 -30.43 -16.54 25.50
C SER B 168 -31.81 -16.14 25.99
N SER B 169 -32.84 -16.55 25.25
CA SER B 169 -34.23 -16.28 25.61
C SER B 169 -34.53 -14.81 25.88
N ILE B 170 -35.37 -14.59 26.90
CA ILE B 170 -35.78 -13.26 27.40
C ILE B 170 -35.01 -12.99 28.74
N THR B 171 -34.27 -11.89 28.84
CA THR B 171 -33.46 -11.54 30.03
C THR B 171 -34.19 -10.63 30.99
N GLU B 172 -33.90 -10.79 32.28
CA GLU B 172 -34.52 -9.98 33.32
C GLU B 172 -33.63 -8.85 33.82
N ALA B 173 -34.26 -7.82 34.36
CA ALA B 173 -33.54 -6.66 34.86
C ALA B 173 -33.92 -6.24 36.28
N GLU B 174 -32.93 -6.26 37.17
CA GLU B 174 -33.12 -5.87 38.56
C GLU B 174 -32.74 -4.42 38.79
N LEU B 175 -33.74 -3.55 38.87
CA LEU B 175 -33.46 -2.14 39.09
C LEU B 175 -33.59 -1.82 40.57
N THR B 176 -32.47 -1.98 41.27
CA THR B 176 -32.36 -1.74 42.71
C THR B 176 -33.26 -0.62 43.24
N GLY B 177 -34.47 -0.96 43.68
CA GLY B 177 -35.38 0.03 44.20
C GLY B 177 -36.71 0.14 43.47
N TYR B 178 -36.69 -0.10 42.16
CA TYR B 178 -37.90 -0.01 41.32
C TYR B 178 -38.52 -1.36 41.03
N GLY B 179 -37.79 -2.41 41.36
CA GLY B 179 -38.28 -3.75 41.12
C GLY B 179 -37.52 -4.45 40.01
N THR B 180 -38.27 -4.92 39.02
CA THR B 180 -37.67 -5.63 37.92
C THR B 180 -38.40 -5.40 36.62
N VAL B 181 -37.64 -5.35 35.53
CA VAL B 181 -38.20 -5.15 34.21
C VAL B 181 -37.56 -6.22 33.34
N THR B 182 -38.24 -6.63 32.27
CA THR B 182 -37.70 -7.65 31.40
C THR B 182 -37.65 -7.25 29.94
N MET B 183 -36.54 -7.60 29.30
CA MET B 183 -36.30 -7.28 27.90
C MET B 183 -36.36 -8.49 26.98
N GLU B 184 -37.18 -8.38 25.94
CA GLU B 184 -37.38 -9.42 24.96
C GLU B 184 -36.63 -8.96 23.71
N CYS B 185 -35.34 -9.29 23.61
CA CYS B 185 -34.53 -8.85 22.48
C CYS B 185 -34.32 -9.83 21.32
N SER B 186 -34.28 -9.28 20.11
CA SER B 186 -34.07 -10.06 18.89
C SER B 186 -32.98 -9.40 18.04
N PRO B 187 -32.09 -10.20 17.44
CA PRO B 187 -31.00 -9.70 16.60
C PRO B 187 -31.38 -8.50 15.72
N ARG B 188 -31.72 -8.78 14.47
CA ARG B 188 -32.12 -7.75 13.50
C ARG B 188 -30.99 -6.76 13.17
N THR B 189 -29.87 -7.29 12.66
CA THR B 189 -28.73 -6.46 12.29
C THR B 189 -28.92 -5.79 10.94
N GLY B 190 -27.94 -4.99 10.52
CA GLY B 190 -28.03 -4.30 9.25
C GLY B 190 -28.00 -5.21 8.04
N LEU B 191 -26.84 -5.78 7.75
CA LEU B 191 -26.67 -6.67 6.61
C LEU B 191 -26.57 -8.12 7.05
N ASP B 192 -26.62 -9.02 6.07
CA ASP B 192 -26.53 -10.45 6.34
C ASP B 192 -25.16 -10.75 6.95
N PHE B 193 -25.09 -11.75 7.83
CA PHE B 193 -23.83 -12.10 8.47
C PHE B 193 -23.14 -13.30 7.82
N ASN B 194 -23.68 -13.74 6.69
CA ASN B 194 -23.11 -14.86 5.95
C ASN B 194 -22.42 -14.27 4.71
N GLU B 195 -23.10 -13.31 4.09
CA GLU B 195 -22.59 -12.64 2.90
C GLU B 195 -21.50 -11.65 3.28
N MET B 196 -21.41 -11.33 4.57
CA MET B 196 -20.42 -10.37 5.03
C MET B 196 -19.33 -11.00 5.90
N VAL B 197 -18.10 -10.51 5.72
CA VAL B 197 -16.96 -10.99 6.47
C VAL B 197 -16.35 -9.85 7.28
N LEU B 198 -15.86 -10.17 8.48
CA LEU B 198 -15.26 -9.19 9.37
C LEU B 198 -13.77 -9.09 9.14
N LEU B 199 -13.35 -8.15 8.29
CA LEU B 199 -11.93 -7.95 7.96
C LEU B 199 -11.24 -7.11 9.05
N GLN B 200 -10.01 -7.45 9.39
CA GLN B 200 -9.31 -6.71 10.44
C GLN B 200 -7.87 -6.37 10.10
N MET B 201 -7.45 -5.14 10.43
CA MET B 201 -6.08 -4.68 10.18
C MET B 201 -5.51 -3.94 11.39
N LYS B 202 -5.04 -4.71 12.37
CA LYS B 202 -4.43 -4.17 13.59
C LYS B 202 -5.22 -3.09 14.32
N ASP B 203 -6.31 -2.58 13.76
CA ASP B 203 -7.04 -1.54 14.49
C ASP B 203 -8.28 -1.18 13.72
N LYS B 204 -8.06 -0.66 12.52
CA LYS B 204 -9.17 -0.38 11.63
C LYS B 204 -9.69 -1.78 11.27
N ALA B 205 -11.01 -1.98 11.33
CA ALA B 205 -11.63 -3.26 11.00
C ALA B 205 -12.99 -3.06 10.33
N TRP B 206 -13.12 -3.48 9.07
CA TRP B 206 -14.39 -3.30 8.37
C TRP B 206 -15.24 -4.55 8.40
N LEU B 207 -16.22 -4.56 7.50
CA LEU B 207 -17.17 -5.65 7.34
C LEU B 207 -17.51 -5.64 5.86
N VAL B 208 -16.91 -6.55 5.09
CA VAL B 208 -17.19 -6.58 3.66
C VAL B 208 -17.82 -7.86 3.16
N HIS B 209 -18.13 -7.84 1.88
CA HIS B 209 -18.78 -8.97 1.21
C HIS B 209 -17.87 -10.20 1.10
N ARG B 210 -18.39 -11.34 1.55
CA ARG B 210 -17.66 -12.60 1.52
C ARG B 210 -16.91 -12.83 0.22
N GLN B 211 -17.63 -12.79 -0.91
CA GLN B 211 -17.01 -12.98 -2.21
C GLN B 211 -15.88 -11.98 -2.48
N TRP B 212 -16.17 -10.68 -2.42
CA TRP B 212 -15.14 -9.67 -2.64
C TRP B 212 -13.87 -10.00 -1.84
N PHE B 213 -14.08 -10.37 -0.57
CA PHE B 213 -13.00 -10.73 0.34
C PHE B 213 -12.12 -11.79 -0.28
N LEU B 214 -12.72 -12.95 -0.55
CA LEU B 214 -12.04 -14.09 -1.12
C LEU B 214 -11.38 -13.83 -2.48
N ASP B 215 -11.92 -12.90 -3.27
CA ASP B 215 -11.33 -12.60 -4.57
C ASP B 215 -10.10 -11.71 -4.52
N LEU B 216 -9.73 -11.26 -3.31
CA LEU B 216 -8.56 -10.39 -3.14
C LEU B 216 -7.29 -11.03 -3.69
N PRO B 217 -6.61 -10.32 -4.59
CA PRO B 217 -5.36 -10.79 -5.21
C PRO B 217 -4.19 -10.73 -4.26
N LEU B 218 -4.25 -11.52 -3.20
CA LEU B 218 -3.17 -11.52 -2.22
C LEU B 218 -2.80 -12.88 -1.70
N PRO B 219 -1.52 -13.09 -1.39
CA PRO B 219 -1.04 -14.36 -0.86
C PRO B 219 -1.95 -14.69 0.31
N TRP B 220 -2.27 -15.96 0.54
CA TRP B 220 -3.15 -16.28 1.65
C TRP B 220 -2.96 -17.64 2.26
N LEU B 221 -3.53 -17.82 3.45
CA LEU B 221 -3.46 -19.08 4.17
C LEU B 221 -4.87 -19.43 4.61
N PRO B 222 -5.26 -20.70 4.50
CA PRO B 222 -6.62 -21.09 4.92
C PRO B 222 -6.75 -20.82 6.41
N GLY B 223 -7.93 -20.38 6.83
CA GLY B 223 -8.15 -20.07 8.22
C GLY B 223 -7.54 -21.06 9.21
N ALA B 224 -7.84 -22.33 9.02
CA ALA B 224 -7.34 -23.38 9.90
C ALA B 224 -5.82 -23.46 9.96
N ASP B 225 -5.14 -22.47 9.40
CA ASP B 225 -3.69 -22.47 9.38
C ASP B 225 -3.04 -22.18 10.74
N THR B 226 -1.87 -22.76 10.96
CA THR B 226 -1.10 -22.60 12.19
C THR B 226 0.36 -22.38 11.80
N GLN B 227 0.73 -22.95 10.66
CA GLN B 227 2.10 -22.84 10.14
C GLN B 227 2.48 -21.38 9.90
N GLY B 228 1.73 -20.71 9.04
CA GLY B 228 2.00 -19.32 8.74
C GLY B 228 3.21 -19.10 7.85
N SER B 229 3.44 -20.02 6.90
CA SER B 229 4.57 -19.92 6.00
C SER B 229 4.24 -20.40 4.59
N ASN B 230 3.45 -21.47 4.52
CA ASN B 230 3.04 -22.05 3.24
C ASN B 230 1.91 -21.26 2.58
N TRP B 231 2.21 -20.00 2.26
CA TRP B 231 1.25 -19.09 1.62
C TRP B 231 0.84 -19.46 0.21
N ILE B 232 -0.46 -19.43 -0.05
CA ILE B 232 -0.96 -19.73 -1.38
C ILE B 232 -0.90 -18.49 -2.26
N GLN B 233 -0.65 -18.67 -3.54
CA GLN B 233 -0.59 -17.57 -4.49
C GLN B 233 0.48 -16.54 -4.15
N LYS B 234 1.59 -17.00 -3.61
CA LYS B 234 2.68 -16.11 -3.27
C LYS B 234 3.08 -15.16 -4.39
N GLU B 235 2.85 -15.57 -5.64
CA GLU B 235 3.23 -14.73 -6.77
C GLU B 235 2.37 -13.50 -7.02
N THR B 236 1.32 -13.32 -6.22
CA THR B 236 0.49 -12.15 -6.42
C THR B 236 1.26 -10.94 -5.88
N LEU B 237 2.35 -11.22 -5.17
CA LEU B 237 3.22 -10.19 -4.58
C LEU B 237 4.67 -10.40 -4.98
N VAL B 238 4.89 -11.25 -5.99
CA VAL B 238 6.24 -11.55 -6.45
C VAL B 238 6.28 -11.47 -7.99
N THR B 239 7.26 -10.76 -8.51
CA THR B 239 7.41 -10.58 -9.95
C THR B 239 8.74 -11.08 -10.50
N PHE B 240 8.70 -11.76 -11.63
CA PHE B 240 9.91 -12.31 -12.26
C PHE B 240 10.28 -11.60 -13.55
N LYS B 241 11.44 -10.97 -13.54
CA LYS B 241 11.94 -10.22 -14.69
C LYS B 241 13.19 -10.79 -15.34
N ASN B 242 13.09 -11.06 -16.65
CA ASN B 242 14.21 -11.55 -17.44
C ASN B 242 14.16 -10.84 -18.80
N PRO B 243 14.41 -9.53 -18.80
CA PRO B 243 14.39 -8.64 -19.96
C PRO B 243 15.29 -8.97 -21.16
N HIS B 244 16.55 -9.34 -20.93
CA HIS B 244 17.39 -9.62 -22.08
C HIS B 244 18.01 -11.01 -22.09
N ALA B 245 17.29 -11.96 -21.51
CA ALA B 245 17.75 -13.34 -21.50
C ALA B 245 19.15 -13.51 -20.92
N LYS B 246 19.51 -12.69 -19.95
CA LYS B 246 20.82 -12.78 -19.30
C LYS B 246 20.59 -13.40 -17.93
N LYS B 247 19.69 -12.81 -17.18
CA LYS B 247 19.38 -13.32 -15.87
C LYS B 247 17.94 -13.05 -15.51
N GLN B 248 17.47 -13.73 -14.46
CA GLN B 248 16.10 -13.59 -13.99
C GLN B 248 16.06 -13.13 -12.55
N ASP B 249 15.25 -12.10 -12.30
CA ASP B 249 15.09 -11.52 -10.96
C ASP B 249 13.72 -11.68 -10.36
N VAL B 250 13.69 -11.74 -9.03
CA VAL B 250 12.46 -11.90 -8.27
C VAL B 250 12.33 -10.66 -7.41
N VAL B 251 11.16 -10.05 -7.43
CA VAL B 251 10.93 -8.85 -6.65
C VAL B 251 9.65 -8.88 -5.81
N VAL B 252 9.64 -8.07 -4.74
CA VAL B 252 8.48 -7.96 -3.85
C VAL B 252 7.56 -6.84 -4.34
N LEU B 253 6.26 -6.96 -4.10
CA LEU B 253 5.36 -5.92 -4.55
C LEU B 253 5.04 -4.87 -3.49
N GLY B 254 5.75 -4.93 -2.36
CA GLY B 254 5.55 -3.95 -1.31
C GLY B 254 4.18 -3.83 -0.68
N SER B 255 4.18 -3.40 0.58
CA SER B 255 2.95 -3.27 1.38
C SER B 255 1.70 -2.88 0.59
N GLN B 256 0.59 -3.52 0.95
CA GLN B 256 -0.70 -3.28 0.32
C GLN B 256 -1.62 -2.69 1.36
N GLU B 257 -1.06 -2.34 2.50
CA GLU B 257 -1.84 -1.77 3.58
C GLU B 257 -2.74 -0.65 3.07
N GLY B 258 -2.11 0.45 2.67
CA GLY B 258 -2.89 1.57 2.17
C GLY B 258 -3.81 1.26 1.01
N ALA B 259 -3.38 0.35 0.14
CA ALA B 259 -4.20 -0.02 -1.02
C ALA B 259 -5.50 -0.66 -0.58
N MET B 260 -5.45 -1.39 0.53
CA MET B 260 -6.63 -2.06 1.07
C MET B 260 -7.55 -1.00 1.64
N HIS B 261 -6.96 -0.04 2.37
CA HIS B 261 -7.74 1.04 2.93
C HIS B 261 -8.42 1.74 1.75
N THR B 262 -7.62 2.19 0.81
CA THR B 262 -8.11 2.87 -0.39
C THR B 262 -9.22 2.11 -1.10
N ALA B 263 -9.29 0.80 -0.89
CA ALA B 263 -10.31 -0.02 -1.55
C ALA B 263 -11.46 -0.30 -0.61
N LEU B 264 -11.27 -0.01 0.67
CA LEU B 264 -12.29 -0.22 1.70
C LEU B 264 -13.00 1.10 1.98
N THR B 265 -13.10 1.93 0.95
CA THR B 265 -13.76 3.23 1.03
C THR B 265 -15.25 3.06 1.26
N GLY B 266 -15.91 2.43 0.29
CA GLY B 266 -17.34 2.22 0.40
C GLY B 266 -17.72 1.22 1.48
N ALA B 267 -16.76 0.39 1.90
CA ALA B 267 -17.01 -0.62 2.93
C ALA B 267 -17.57 -0.03 4.22
N THR B 268 -18.11 -0.89 5.06
CA THR B 268 -18.70 -0.47 6.33
C THR B 268 -17.66 -0.55 7.46
N GLU B 269 -17.22 0.60 7.94
CA GLU B 269 -16.22 0.65 9.01
C GLU B 269 -16.79 0.08 10.32
N ILE B 270 -15.93 -0.14 11.31
CA ILE B 270 -16.35 -0.69 12.60
C ILE B 270 -15.30 -0.49 13.68
N GLN B 271 -15.37 0.61 14.43
CA GLN B 271 -14.39 0.85 15.49
C GLN B 271 -14.38 -0.37 16.42
N MET B 272 -13.20 -0.75 16.90
CA MET B 272 -13.10 -1.89 17.80
C MET B 272 -11.83 -1.91 18.62
N SER B 273 -12.02 -2.00 19.94
CA SER B 273 -10.91 -2.07 20.84
C SER B 273 -10.61 -3.51 21.24
N SER B 274 -9.64 -4.06 20.51
CA SER B 274 -9.11 -5.40 20.72
C SER B 274 -10.13 -6.50 21.00
N GLY B 275 -11.38 -6.32 20.59
CA GLY B 275 -12.37 -7.36 20.89
C GLY B 275 -13.78 -6.83 21.12
N ASN B 276 -13.89 -5.61 21.69
CA ASN B 276 -15.17 -4.91 21.95
C ASN B 276 -15.41 -3.87 20.90
N LEU B 277 -16.18 -4.27 19.88
CA LEU B 277 -16.46 -3.38 18.77
C LEU B 277 -17.71 -2.55 18.97
N LEU B 278 -17.88 -1.55 18.11
CA LEU B 278 -19.03 -0.65 18.18
C LEU B 278 -19.73 -0.66 16.81
N PHE B 279 -20.47 -1.73 16.56
CA PHE B 279 -21.17 -1.97 15.30
C PHE B 279 -22.22 -0.98 14.85
N THR B 280 -23.04 -1.47 13.91
CA THR B 280 -24.16 -0.72 13.32
C THR B 280 -25.36 -1.68 13.21
N GLY B 281 -26.19 -1.73 14.24
CA GLY B 281 -27.33 -2.63 14.17
C GLY B 281 -28.52 -2.32 15.05
N HIS B 282 -29.65 -2.05 14.42
CA HIS B 282 -30.87 -1.74 15.14
C HIS B 282 -31.29 -2.91 16.01
N LEU B 283 -30.78 -2.95 17.25
CA LEU B 283 -31.14 -4.01 18.19
C LEU B 283 -32.50 -3.72 18.82
N LYS B 284 -33.56 -4.35 18.31
CA LYS B 284 -34.91 -4.13 18.85
C LYS B 284 -35.17 -5.02 20.05
N CYS B 285 -35.91 -4.50 21.02
CA CYS B 285 -36.27 -5.27 22.21
C CYS B 285 -37.65 -4.84 22.70
N ARG B 286 -38.34 -5.74 23.39
CA ARG B 286 -39.66 -5.44 23.92
C ARG B 286 -39.57 -5.33 25.43
N LEU B 287 -40.25 -4.33 25.99
CA LEU B 287 -40.21 -4.10 27.42
C LEU B 287 -41.50 -4.44 28.17
N ARG B 288 -41.34 -5.25 29.21
CA ARG B 288 -42.44 -5.65 30.06
C ARG B 288 -42.11 -4.99 31.39
N MET B 289 -42.99 -4.10 31.85
CA MET B 289 -42.75 -3.36 33.08
C MET B 289 -43.72 -3.71 34.19
N ASP B 290 -44.33 -4.88 34.09
CA ASP B 290 -45.30 -5.34 35.08
C ASP B 290 -44.70 -5.40 36.46
N LYS B 291 -43.49 -5.95 36.54
CA LYS B 291 -42.81 -6.10 37.83
C LYS B 291 -42.11 -4.82 38.27
N LEU B 292 -42.24 -3.78 37.47
CA LEU B 292 -41.64 -2.48 37.79
C LEU B 292 -42.68 -1.64 38.52
N GLN B 293 -42.24 -0.94 39.56
CA GLN B 293 -43.15 -0.11 40.34
C GLN B 293 -42.53 1.18 40.84
N LEU B 294 -43.29 2.27 40.68
CA LEU B 294 -42.87 3.60 41.14
C LEU B 294 -42.22 3.51 42.49
N LYS B 295 -41.40 4.48 42.82
CA LYS B 295 -40.70 4.45 44.08
C LYS B 295 -41.28 5.38 45.10
N GLY B 296 -41.74 4.81 46.19
CA GLY B 296 -42.26 5.60 47.28
C GLY B 296 -43.63 6.24 47.14
N MET B 297 -44.54 5.61 46.42
CA MET B 297 -45.88 6.16 46.29
C MET B 297 -46.56 6.01 47.66
N SER B 298 -45.72 5.87 48.69
CA SER B 298 -46.15 5.71 50.08
C SER B 298 -45.76 6.96 50.86
N TYR B 299 -45.12 7.89 50.16
CA TYR B 299 -44.66 9.14 50.75
C TYR B 299 -45.76 10.20 50.61
N SER B 300 -45.55 11.35 51.23
CA SER B 300 -46.52 12.43 51.15
C SER B 300 -45.85 13.64 50.51
N MET B 301 -46.62 14.39 49.73
CA MET B 301 -46.10 15.59 49.06
C MET B 301 -45.40 16.43 50.12
N CYS B 302 -44.34 17.12 49.73
CA CYS B 302 -43.59 17.94 50.67
C CYS B 302 -44.38 19.20 50.90
N THR B 303 -44.14 19.83 52.04
CA THR B 303 -44.84 21.06 52.40
C THR B 303 -43.89 22.25 52.31
N GLY B 304 -42.62 22.00 52.61
CA GLY B 304 -41.62 23.05 52.57
C GLY B 304 -41.42 23.64 51.18
N LYS B 305 -40.53 24.62 51.10
CA LYS B 305 -40.23 25.30 49.86
C LYS B 305 -38.89 24.80 49.31
N PHE B 306 -38.72 24.96 48.01
CA PHE B 306 -37.50 24.54 47.34
C PHE B 306 -36.69 25.71 46.81
N LYS B 307 -35.39 25.47 46.65
CA LYS B 307 -34.42 26.46 46.17
C LYS B 307 -33.75 25.96 44.88
N VAL B 308 -33.99 26.64 43.77
CA VAL B 308 -33.37 26.24 42.52
C VAL B 308 -31.86 26.18 42.72
N VAL B 309 -31.29 24.98 42.61
CA VAL B 309 -29.85 24.78 42.78
C VAL B 309 -29.10 24.95 41.46
N LYS B 310 -29.73 24.54 40.36
CA LYS B 310 -29.13 24.67 39.03
C LYS B 310 -30.21 25.15 38.06
N GLU B 311 -30.06 26.39 37.60
CA GLU B 311 -31.01 27.03 36.68
C GLU B 311 -31.55 26.14 35.57
N ILE B 312 -32.82 26.36 35.24
CA ILE B 312 -33.49 25.61 34.18
C ILE B 312 -32.69 25.63 32.88
N ALA B 313 -32.37 24.45 32.36
CA ALA B 313 -31.60 24.34 31.13
C ALA B 313 -32.45 23.61 30.12
N GLU B 314 -32.38 24.02 28.87
CA GLU B 314 -33.17 23.37 27.86
C GLU B 314 -32.28 22.41 27.08
N THR B 315 -32.82 21.23 26.76
CA THR B 315 -32.05 20.23 26.03
C THR B 315 -32.33 20.30 24.53
N GLN B 316 -31.48 19.66 23.74
CA GLN B 316 -31.64 19.68 22.30
C GLN B 316 -32.96 19.07 21.81
N HIS B 317 -33.85 18.70 22.73
CA HIS B 317 -35.14 18.12 22.33
C HIS B 317 -36.30 18.82 23.03
N GLY B 318 -36.19 20.11 23.22
CA GLY B 318 -37.28 20.83 23.86
C GLY B 318 -37.55 20.59 25.32
N THR B 319 -36.97 19.54 25.91
CA THR B 319 -37.21 19.30 27.33
C THR B 319 -36.38 20.26 28.16
N ILE B 320 -36.73 20.42 29.41
CA ILE B 320 -35.98 21.31 30.28
C ILE B 320 -35.57 20.49 31.50
N VAL B 321 -34.41 20.82 32.08
CA VAL B 321 -33.95 20.10 33.25
C VAL B 321 -33.68 21.16 34.29
N ILE B 322 -34.04 20.88 35.53
CA ILE B 322 -33.83 21.82 36.62
C ILE B 322 -33.36 21.05 37.83
N ARG B 323 -32.59 21.69 38.69
CA ARG B 323 -32.12 21.02 39.88
C ARG B 323 -32.56 21.88 41.03
N VAL B 324 -33.17 21.26 42.03
CA VAL B 324 -33.64 21.99 43.17
C VAL B 324 -33.21 21.32 44.45
N GLN B 325 -33.25 22.08 45.54
CA GLN B 325 -32.90 21.55 46.85
C GLN B 325 -34.04 21.86 47.81
N TYR B 326 -34.36 20.89 48.66
CA TYR B 326 -35.44 21.04 49.63
C TYR B 326 -34.94 21.68 50.92
N GLU B 327 -35.72 22.63 51.43
CA GLU B 327 -35.35 23.31 52.66
C GLU B 327 -36.35 22.98 53.75
N GLY B 328 -37.41 22.26 53.39
CA GLY B 328 -38.43 21.88 54.35
C GLY B 328 -38.01 20.70 55.23
N ASP B 329 -38.70 20.50 56.34
CA ASP B 329 -38.35 19.42 57.27
C ASP B 329 -38.94 18.07 56.85
N GLY B 330 -39.87 18.12 55.91
CA GLY B 330 -40.54 16.91 55.44
C GLY B 330 -39.78 15.59 55.31
N SER B 331 -38.45 15.63 55.16
CA SER B 331 -37.66 14.40 55.00
C SER B 331 -38.25 13.61 53.81
N PRO B 332 -37.88 12.32 53.63
CA PRO B 332 -38.42 11.55 52.49
C PRO B 332 -39.85 11.88 52.06
N CYS B 333 -39.99 12.78 51.09
CA CYS B 333 -41.28 13.22 50.56
C CYS B 333 -41.28 13.43 49.05
N LYS B 334 -42.46 13.64 48.47
CA LYS B 334 -42.60 13.87 47.04
C LYS B 334 -42.60 15.36 46.68
N ILE B 335 -42.02 15.70 45.54
CA ILE B 335 -41.94 17.09 45.11
C ILE B 335 -43.13 17.52 44.24
N PRO B 336 -43.85 18.57 44.65
CA PRO B 336 -44.99 19.05 43.86
C PRO B 336 -44.40 19.64 42.57
N PHE B 337 -44.91 19.25 41.41
CA PHE B 337 -44.33 19.76 40.19
C PHE B 337 -45.29 19.78 39.03
N GLU B 338 -45.67 20.97 38.60
CA GLU B 338 -46.57 21.08 37.46
C GLU B 338 -46.20 22.18 36.50
N ILE B 339 -46.51 21.94 35.23
CA ILE B 339 -46.26 22.91 34.18
C ILE B 339 -47.64 23.44 33.82
N MET B 340 -48.05 24.46 34.59
CA MET B 340 -49.33 25.13 34.42
C MET B 340 -49.27 26.03 33.21
N ASP B 341 -50.31 26.84 33.04
CA ASP B 341 -50.40 27.79 31.96
C ASP B 341 -50.10 29.18 32.51
N LEU B 342 -50.06 30.15 31.61
CA LEU B 342 -49.77 31.54 31.94
C LEU B 342 -50.56 32.11 33.13
N GLU B 343 -51.76 31.58 33.37
CA GLU B 343 -52.58 32.08 34.46
C GLU B 343 -52.72 31.09 35.60
N LYS B 344 -51.95 30.02 35.54
CA LYS B 344 -52.00 29.01 36.57
C LYS B 344 -53.41 28.39 36.66
N ARG B 345 -54.05 28.27 35.50
CA ARG B 345 -55.39 27.69 35.40
C ARG B 345 -55.33 26.20 35.14
N HIS B 346 -54.93 25.83 33.94
CA HIS B 346 -54.85 24.43 33.57
C HIS B 346 -53.42 23.94 33.67
N VAL B 347 -53.20 22.78 33.05
CA VAL B 347 -51.89 22.15 33.01
C VAL B 347 -51.48 21.99 31.55
N LEU B 348 -50.25 22.33 31.22
CA LEU B 348 -49.80 22.25 29.84
C LEU B 348 -48.61 21.34 29.58
N GLY B 349 -47.89 20.95 30.62
CA GLY B 349 -46.73 20.10 30.40
C GLY B 349 -46.71 18.85 31.24
N ARG B 350 -45.84 17.91 30.87
CA ARG B 350 -45.69 16.63 31.54
C ARG B 350 -44.29 16.42 32.08
N LEU B 351 -44.15 15.68 33.17
CA LEU B 351 -42.84 15.38 33.73
C LEU B 351 -42.23 14.24 32.92
N ILE B 352 -40.95 14.35 32.56
CA ILE B 352 -40.29 13.25 31.86
C ILE B 352 -39.75 12.40 33.02
N THR B 353 -39.16 13.07 34.00
CA THR B 353 -38.64 12.40 35.18
C THR B 353 -39.84 12.37 36.11
N VAL B 354 -40.66 11.34 35.91
CA VAL B 354 -41.87 11.16 36.68
C VAL B 354 -41.66 10.92 38.16
N ASN B 355 -42.66 11.29 38.94
CA ASN B 355 -42.64 11.10 40.38
C ASN B 355 -41.33 11.50 41.04
N PRO B 356 -41.08 12.81 41.16
CA PRO B 356 -39.88 13.38 41.77
C PRO B 356 -40.02 13.33 43.28
N ILE B 357 -38.96 12.90 43.98
CA ILE B 357 -39.02 12.82 45.45
C ILE B 357 -37.70 13.18 46.10
N VAL B 358 -37.76 13.97 47.17
CA VAL B 358 -36.56 14.35 47.89
C VAL B 358 -36.18 13.15 48.76
N THR B 359 -34.92 13.01 49.10
CA THR B 359 -34.49 11.87 49.90
C THR B 359 -33.55 12.30 51.02
N GLU B 360 -33.05 13.53 50.94
CA GLU B 360 -32.16 14.04 51.96
C GLU B 360 -32.11 15.54 51.93
N LYS B 361 -32.45 16.13 53.07
CA LYS B 361 -32.46 17.58 53.24
C LYS B 361 -31.33 18.24 52.43
N ASP B 362 -30.20 17.55 52.29
CA ASP B 362 -29.07 18.12 51.57
C ASP B 362 -28.67 17.49 50.24
N SER B 363 -29.56 16.74 49.61
CA SER B 363 -29.24 16.15 48.30
C SER B 363 -30.17 16.76 47.27
N PRO B 364 -29.62 17.61 46.39
CA PRO B 364 -30.45 18.26 45.35
C PRO B 364 -31.07 17.20 44.47
N VAL B 365 -32.15 17.56 43.80
CA VAL B 365 -32.84 16.63 42.92
C VAL B 365 -32.95 17.17 41.50
N ASN B 366 -32.68 16.30 40.54
CA ASN B 366 -32.76 16.69 39.15
C ASN B 366 -34.09 16.27 38.55
N ILE B 367 -34.78 17.21 37.89
CA ILE B 367 -36.06 16.91 37.26
C ILE B 367 -36.08 17.34 35.80
N GLU B 368 -36.54 16.46 34.93
CA GLU B 368 -36.64 16.81 33.51
C GLU B 368 -38.12 16.81 33.16
N ALA B 369 -38.64 17.97 32.77
CA ALA B 369 -40.03 18.08 32.39
C ALA B 369 -40.09 18.45 30.92
N GLU B 370 -41.28 18.40 30.33
CA GLU B 370 -41.46 18.72 28.91
C GLU B 370 -42.54 19.74 28.83
N PRO B 371 -42.17 21.01 28.80
CA PRO B 371 -43.17 22.05 28.72
C PRO B 371 -43.69 22.14 27.29
N PRO B 372 -44.81 22.84 27.09
CA PRO B 372 -45.40 23.00 25.76
C PRO B 372 -44.56 24.00 24.97
N PHE B 373 -44.98 24.29 23.75
CA PHE B 373 -44.28 25.26 22.95
C PHE B 373 -44.83 26.59 23.46
N GLY B 374 -44.05 27.66 23.38
CA GLY B 374 -44.52 28.93 23.89
C GLY B 374 -44.35 29.03 25.39
N ASP B 375 -45.15 29.87 26.04
CA ASP B 375 -45.05 30.06 27.48
C ASP B 375 -45.70 28.98 28.29
N SER B 376 -45.34 28.96 29.55
CA SER B 376 -45.83 27.99 30.51
C SER B 376 -45.13 28.39 31.78
N TYR B 377 -45.54 27.78 32.87
CA TYR B 377 -44.93 28.05 34.14
C TYR B 377 -44.51 26.75 34.79
N ILE B 378 -43.35 26.78 35.42
CA ILE B 378 -42.86 25.61 36.13
C ILE B 378 -43.15 25.91 37.59
N ILE B 379 -44.25 25.36 38.10
CA ILE B 379 -44.66 25.56 39.48
C ILE B 379 -44.14 24.41 40.33
N ILE B 380 -43.20 24.72 41.21
CA ILE B 380 -42.59 23.72 42.08
C ILE B 380 -42.82 24.06 43.54
N GLY B 381 -43.06 23.04 44.36
CA GLY B 381 -43.30 23.26 45.78
C GLY B 381 -44.75 23.57 46.04
N VAL B 382 -45.07 23.97 47.26
CA VAL B 382 -46.46 24.30 47.58
C VAL B 382 -46.58 25.63 48.35
N GLU B 383 -47.68 26.31 48.04
CA GLU B 383 -48.05 27.63 48.56
C GLU B 383 -46.93 28.38 49.34
N PRO B 384 -46.66 28.11 50.66
CA PRO B 384 -45.56 28.87 51.21
C PRO B 384 -44.20 28.95 50.52
N GLY B 385 -44.04 29.81 49.51
CA GLY B 385 -42.74 29.92 48.84
C GLY B 385 -42.68 29.12 47.56
N GLN B 386 -43.86 28.79 47.03
CA GLN B 386 -43.96 28.00 45.80
C GLN B 386 -43.25 28.68 44.63
N LEU B 387 -42.22 28.04 44.11
CA LEU B 387 -41.49 28.59 42.98
C LEU B 387 -42.39 28.59 41.75
N LYS B 388 -42.43 29.72 41.05
CA LYS B 388 -43.28 29.79 39.87
C LYS B 388 -42.50 30.28 38.64
N LEU B 389 -41.34 29.67 38.41
CA LEU B 389 -40.47 30.01 37.29
C LEU B 389 -41.21 29.93 35.96
N ASN B 390 -41.09 30.99 35.15
CA ASN B 390 -41.74 31.02 33.85
C ASN B 390 -40.78 30.52 32.78
N TRP B 391 -41.34 30.06 31.65
CA TRP B 391 -40.51 29.51 30.59
C TRP B 391 -41.14 29.61 29.19
N PHE B 392 -40.28 29.62 28.17
CA PHE B 392 -40.69 29.72 26.76
C PHE B 392 -39.97 28.65 25.92
N LYS B 393 -40.74 27.84 25.20
CA LYS B 393 -40.15 26.76 24.41
C LYS B 393 -40.12 26.93 22.89
N LYS B 394 -39.06 26.40 22.29
CA LYS B 394 -38.80 26.43 20.85
C LYS B 394 -39.04 27.84 20.33
#